data_2ISN
#
_entry.id   2ISN
#
_cell.length_a   52.986
_cell.length_b   62.447
_cell.length_c   63.738
_cell.angle_alpha   65.53
_cell.angle_beta   70.21
_cell.angle_gamma   77.64
#
_symmetry.space_group_name_H-M   'P 1'
#
loop_
_entity.id
_entity.type
_entity.pdbx_description
1 polymer 'NYSGXRC-8828z, phosphatase'
2 non-polymer 'SULFATE ION'
3 non-polymer 'PRASEODYMIUM ION'
4 water water
#
_entity_poly.entity_id   1
_entity_poly.type   'polypeptide(L)'
_entity_poly.pdbx_seq_one_letter_code
;SLKKVITVNEWYTTTVAAT(MSE)LGRRPTDEDAILVSAPATSRPNVRIKAVFDGHAGEATSQYCAKHAAKHLGKLSEFT
FAEVKKACLSLDAEIIRKLGPKHVAGSTGIIVAIERLSAPVVENVVGREIVPRAHEETFVPLEKLIQEEEEAEHPELVGR
YPRVPDVQQKTIPAGSFLVTAINIGDSRATLIHSDGGLTRLSKDHKPNHPTEASRIEKAGGSVETFDVPRVDGVLALSRA
FGDSDFK(MSE)NPNLPPEEQKVIAVPDVRQFYALSSDLLLLACDGVYEPSG(MSE)DWAYVRDLTVAE(MSE)QRSKGD
LEEVAARV(MSE)DYAYD(MSE)NSQDNISV(MSE)LVAFHNQEVEHPTAVYKVVSGQVDKVEWDVAGKKGN
;
_entity_poly.pdbx_strand_id   A,B
#
# COMPACT_ATOMS: atom_id res chain seq x y z
N LYS A 3 -3.98 10.89 -5.78
CA LYS A 3 -4.21 10.04 -6.98
C LYS A 3 -3.91 8.56 -6.74
N LYS A 4 -2.65 8.21 -6.48
CA LYS A 4 -2.30 6.81 -6.24
C LYS A 4 -2.51 6.50 -4.76
N VAL A 5 -3.51 5.66 -4.49
CA VAL A 5 -3.88 5.31 -3.12
C VAL A 5 -3.79 3.82 -2.75
N ILE A 6 -3.35 3.56 -1.52
CA ILE A 6 -3.29 2.18 -1.02
C ILE A 6 -4.45 2.06 -0.06
N THR A 7 -5.19 0.97 -0.15
CA THR A 7 -6.31 0.73 0.74
C THR A 7 -6.15 -0.66 1.36
N VAL A 8 -6.00 -0.69 2.68
CA VAL A 8 -5.86 -1.95 3.39
C VAL A 8 -7.10 -2.19 4.25
N ASN A 9 -7.77 -3.32 4.01
CA ASN A 9 -8.96 -3.70 4.77
C ASN A 9 -8.55 -4.91 5.59
N GLU A 10 -8.35 -4.71 6.89
CA GLU A 10 -7.88 -5.79 7.76
C GLU A 10 -8.32 -5.52 9.19
N TRP A 11 -8.31 -6.56 10.01
CA TRP A 11 -8.68 -6.42 11.42
C TRP A 11 -10.04 -5.70 11.51
N TYR A 12 -10.09 -4.59 12.25
CA TYR A 12 -11.34 -3.83 12.39
C TYR A 12 -11.23 -2.46 11.74
N THR A 13 -10.36 -2.33 10.74
CA THR A 13 -10.19 -1.04 10.11
C THR A 13 -10.06 -1.05 8.59
N THR A 14 -10.30 0.11 8.01
CA THR A 14 -10.13 0.32 6.58
C THR A 14 -9.21 1.52 6.60
N THR A 15 -7.99 1.33 6.10
CA THR A 15 -6.98 2.38 6.07
C THR A 15 -6.65 2.76 4.62
N VAL A 16 -6.66 4.06 4.33
CA VAL A 16 -6.30 4.57 3.00
C VAL A 16 -5.18 5.59 3.18
N ALA A 17 -4.17 5.55 2.31
CA ALA A 17 -3.05 6.48 2.40
C ALA A 17 -2.53 6.87 1.03
N ALA A 18 -2.02 8.09 0.93
CA ALA A 18 -1.48 8.60 -0.32
C ALA A 18 -0.54 9.73 -0.01
N THR A 19 0.35 10.03 -0.93
CA THR A 19 1.33 11.09 -0.73
C THR A 19 1.65 11.70 -2.08
N LEU A 21 4.40 14.74 -4.20
CA LEU A 21 5.55 15.62 -4.14
C LEU A 21 5.10 17.05 -3.96
N GLY A 22 4.08 17.43 -4.72
CA GLY A 22 3.60 18.79 -4.65
C GLY A 22 4.63 19.65 -5.37
N ARG A 23 4.93 20.83 -4.82
CA ARG A 23 5.90 21.70 -5.47
C ARG A 23 7.35 21.44 -5.08
N ARG A 24 7.62 20.29 -4.47
CA ARG A 24 8.98 19.94 -4.07
C ARG A 24 9.57 18.93 -5.04
N PRO A 25 10.91 18.96 -5.23
CA PRO A 25 11.65 18.08 -6.13
C PRO A 25 11.55 16.60 -5.77
N THR A 26 11.52 16.30 -4.48
CA THR A 26 11.41 14.92 -4.03
C THR A 26 10.33 14.85 -2.95
N ASP A 27 9.94 13.63 -2.58
CA ASP A 27 8.94 13.44 -1.55
C ASP A 27 9.64 12.72 -0.39
N GLU A 28 9.80 13.42 0.72
CA GLU A 28 10.47 12.87 1.89
C GLU A 28 9.52 12.35 2.95
N ASP A 29 8.24 12.21 2.58
CA ASP A 29 7.23 11.71 3.51
C ASP A 29 7.17 10.19 3.37
N ALA A 30 6.96 9.51 4.50
CA ALA A 30 6.86 8.05 4.51
C ALA A 30 5.70 7.70 5.42
N ILE A 31 4.93 6.69 5.03
CA ILE A 31 3.77 6.32 5.84
C ILE A 31 3.78 4.86 6.27
N LEU A 32 3.60 4.64 7.57
CA LEU A 32 3.52 3.27 8.08
C LEU A 32 2.01 3.00 8.04
N VAL A 33 1.57 2.31 6.99
CA VAL A 33 0.15 2.00 6.83
C VAL A 33 -0.41 1.09 7.92
N SER A 34 0.38 0.12 8.33
CA SER A 34 -0.05 -0.80 9.38
C SER A 34 1.06 -1.74 9.83
N ALA A 35 0.95 -2.17 11.09
CA ALA A 35 1.89 -3.10 11.69
C ALA A 35 1.27 -3.53 13.01
N PRO A 36 1.51 -4.78 13.44
CA PRO A 36 0.96 -5.30 14.70
C PRO A 36 1.88 -5.02 15.88
N PRO A 41 -1.09 -8.39 19.92
CA PRO A 41 -2.49 -8.81 19.78
C PRO A 41 -3.50 -7.71 20.10
N ASN A 42 -4.39 -7.44 19.15
CA ASN A 42 -5.39 -6.40 19.33
C ASN A 42 -4.72 -5.03 19.32
N VAL A 43 -3.59 -4.94 18.65
CA VAL A 43 -2.89 -3.66 18.54
C VAL A 43 -2.42 -3.36 17.12
N ARG A 44 -2.75 -2.20 16.62
CA ARG A 44 -2.28 -1.76 15.32
C ARG A 44 -1.41 -0.52 15.42
N ILE A 45 -0.46 -0.31 14.73
CA ILE A 45 0.33 0.92 14.77
C ILE A 45 0.39 1.53 13.37
N LYS A 46 0.09 2.82 13.28
CA LYS A 46 0.12 3.52 12.01
C LYS A 46 0.86 4.83 12.24
N ALA A 47 1.47 5.36 11.20
CA ALA A 47 2.20 6.61 11.35
C ALA A 47 2.46 7.32 10.04
N VAL A 48 2.75 8.60 10.16
CA VAL A 48 3.09 9.43 9.02
C VAL A 48 4.38 10.10 9.48
N PHE A 49 5.44 9.92 8.70
CA PHE A 49 6.74 10.49 9.03
C PHE A 49 7.14 11.50 7.95
N ASP A 50 7.37 12.73 8.38
CA ASP A 50 7.74 13.82 7.49
C ASP A 50 9.22 14.15 7.62
N GLY A 51 10.00 13.77 6.63
CA GLY A 51 11.43 14.03 6.69
C GLY A 51 11.85 15.37 6.12
N HIS A 52 13.05 15.79 6.44
CA HIS A 52 13.58 17.04 5.94
C HIS A 52 15.10 16.92 5.78
N ALA A 53 15.63 17.52 4.72
CA ALA A 53 17.06 17.46 4.44
C ALA A 53 17.48 16.04 4.09
N GLY A 54 16.54 15.27 3.56
CA GLY A 54 16.82 13.89 3.19
C GLY A 54 15.66 12.97 3.54
N GLU A 55 15.59 11.81 2.88
CA GLU A 55 14.51 10.87 3.13
C GLU A 55 14.95 9.61 3.87
N ALA A 56 16.23 9.50 4.17
CA ALA A 56 16.73 8.31 4.85
C ALA A 56 16.14 8.08 6.23
N THR A 57 15.99 9.14 7.02
CA THR A 57 15.46 9.01 8.37
C THR A 57 13.97 8.72 8.44
N SER A 58 13.17 9.42 7.63
CA SER A 58 11.73 9.20 7.62
C SER A 58 11.39 7.79 7.14
N GLN A 59 12.11 7.31 6.14
CA GLN A 59 11.85 5.96 5.64
C GLN A 59 12.33 4.90 6.62
N TYR A 60 13.36 5.22 7.39
CA TYR A 60 13.86 4.27 8.38
C TYR A 60 12.77 4.15 9.45
N CYS A 61 12.28 5.31 9.90
CA CYS A 61 11.22 5.37 10.91
C CYS A 61 9.99 4.54 10.51
N ALA A 62 9.54 4.71 9.28
CA ALA A 62 8.38 3.98 8.77
C ALA A 62 8.60 2.48 8.86
N LYS A 63 9.79 2.05 8.44
CA LYS A 63 10.16 0.65 8.42
C LYS A 63 10.47 0.01 9.78
N HIS A 64 10.93 0.82 10.74
CA HIS A 64 11.32 0.26 12.05
C HIS A 64 10.65 0.76 13.33
N ALA A 65 9.85 1.82 13.25
CA ALA A 65 9.19 2.34 14.45
C ALA A 65 8.34 1.30 15.15
N ALA A 66 7.58 0.53 14.38
CA ALA A 66 6.71 -0.50 14.95
C ALA A 66 7.52 -1.52 15.74
N LYS A 67 8.70 -1.87 15.24
CA LYS A 67 9.55 -2.83 15.93
C LYS A 67 9.76 -2.42 17.39
N HIS A 68 10.08 -1.15 17.62
CA HIS A 68 10.29 -0.66 18.98
C HIS A 68 9.01 -0.49 19.81
N LEU A 69 8.01 0.18 19.24
CA LEU A 69 6.75 0.40 19.93
C LEU A 69 5.97 -0.89 20.13
N GLY A 70 6.19 -1.85 19.24
CA GLY A 70 5.47 -3.11 19.31
C GLY A 70 5.80 -4.03 20.46
N LYS A 71 6.90 -3.78 21.15
CA LYS A 71 7.28 -4.64 22.27
C LYS A 71 6.74 -4.12 23.60
N LEU A 72 6.21 -2.89 23.60
CA LEU A 72 5.67 -2.27 24.81
C LEU A 72 4.43 -2.95 25.42
N SER A 73 4.47 -3.14 26.74
CA SER A 73 3.36 -3.77 27.44
C SER A 73 2.26 -2.76 27.79
N GLU A 74 2.64 -1.49 27.93
CA GLU A 74 1.69 -0.40 28.21
C GLU A 74 2.18 0.77 27.36
N PHE A 75 1.27 1.64 26.93
CA PHE A 75 1.68 2.77 26.11
C PHE A 75 1.75 4.07 26.89
N THR A 76 2.47 4.04 28.01
CA THR A 76 2.63 5.20 28.87
C THR A 76 3.74 6.09 28.32
N PHE A 77 3.79 7.34 28.76
CA PHE A 77 4.82 8.26 28.32
C PHE A 77 6.21 7.66 28.54
N ALA A 78 6.45 7.14 29.75
CA ALA A 78 7.75 6.55 30.07
C ALA A 78 8.14 5.42 29.12
N GLU A 79 7.22 4.48 28.88
CA GLU A 79 7.52 3.37 28.00
C GLU A 79 7.71 3.81 26.55
N VAL A 80 6.84 4.71 26.09
CA VAL A 80 6.91 5.22 24.73
C VAL A 80 8.17 6.07 24.54
N LYS A 81 8.49 6.85 25.56
CA LYS A 81 9.68 7.69 25.49
C LYS A 81 10.94 6.83 25.30
N LYS A 82 11.14 5.82 26.14
CA LYS A 82 12.32 4.99 25.97
C LYS A 82 12.33 4.30 24.61
N ALA A 83 11.15 4.01 24.07
CA ALA A 83 11.06 3.37 22.77
C ALA A 83 11.52 4.32 21.67
N CYS A 84 11.07 5.57 21.73
CA CYS A 84 11.46 6.55 20.72
C CYS A 84 12.95 6.90 20.77
N LEU A 85 13.49 7.05 21.98
CA LEU A 85 14.91 7.39 22.10
C LEU A 85 15.75 6.22 21.60
N SER A 86 15.25 5.00 21.81
CA SER A 86 15.96 3.81 21.38
C SER A 86 16.05 3.85 19.86
N LEU A 87 14.91 4.13 19.22
CA LEU A 87 14.87 4.23 17.76
C LEU A 87 15.78 5.34 17.25
N ASP A 88 15.74 6.49 17.94
CA ASP A 88 16.57 7.62 17.53
C ASP A 88 18.06 7.28 17.57
N ALA A 89 18.47 6.57 18.61
CA ALA A 89 19.88 6.18 18.76
C ALA A 89 20.28 5.20 17.66
N GLU A 90 19.33 4.34 17.31
CA GLU A 90 19.56 3.36 16.25
C GLU A 90 19.69 4.09 14.93
N ILE A 91 18.84 5.09 14.72
CA ILE A 91 18.87 5.86 13.49
C ILE A 91 20.21 6.59 13.31
N ILE A 92 20.63 7.29 14.36
CA ILE A 92 21.87 8.05 14.32
C ILE A 92 23.07 7.13 14.09
N ARG A 93 23.04 5.99 14.78
CA ARG A 93 24.09 4.99 14.68
C ARG A 93 24.18 4.47 13.25
N LYS A 94 23.06 4.00 12.71
CA LYS A 94 23.03 3.46 11.36
C LYS A 94 23.18 4.46 10.21
N LEU A 95 22.68 5.68 10.40
CA LEU A 95 22.75 6.68 9.33
C LEU A 95 23.79 7.77 9.49
N GLY A 96 24.36 7.92 10.68
CA GLY A 96 25.33 8.98 10.89
C GLY A 96 26.79 8.56 11.00
N PRO A 97 27.47 8.94 12.09
CA PRO A 97 26.97 9.69 13.25
C PRO A 97 26.68 11.17 13.01
N LYS A 98 27.29 11.76 11.99
CA LYS A 98 27.07 13.17 11.70
C LYS A 98 26.10 13.47 10.56
N HIS A 99 25.59 14.70 10.58
CA HIS A 99 24.70 15.22 9.54
C HIS A 99 23.47 14.38 9.21
N VAL A 100 22.95 13.65 10.19
CA VAL A 100 21.77 12.80 9.98
C VAL A 100 20.50 13.56 9.69
N ALA A 101 19.82 13.20 8.59
CA ALA A 101 18.58 13.86 8.21
C ALA A 101 17.58 13.78 9.37
N GLY A 102 16.60 14.67 9.38
CA GLY A 102 15.63 14.65 10.44
C GLY A 102 14.28 14.16 9.95
N SER A 103 13.35 13.95 10.88
CA SER A 103 12.00 13.52 10.51
C SER A 103 11.01 13.71 11.63
N THR A 104 9.83 14.20 11.28
CA THR A 104 8.74 14.40 12.22
C THR A 104 8.12 13.01 12.32
N GLY A 105 7.18 12.86 13.23
CA GLY A 105 6.50 11.59 13.37
C GLY A 105 5.22 11.68 14.18
N ILE A 106 4.10 11.32 13.57
CA ILE A 106 2.82 11.32 14.27
C ILE A 106 2.45 9.85 14.17
N ILE A 107 2.48 9.19 15.33
CA ILE A 107 2.21 7.76 15.44
C ILE A 107 0.98 7.50 16.30
N VAL A 108 0.19 6.51 15.92
CA VAL A 108 -0.97 6.14 16.71
C VAL A 108 -0.93 4.64 16.99
N ALA A 109 -1.25 4.29 18.23
CA ALA A 109 -1.32 2.91 18.68
C ALA A 109 -2.82 2.70 18.92
N ILE A 110 -3.43 1.88 18.09
CA ILE A 110 -4.86 1.62 18.16
C ILE A 110 -5.18 0.26 18.78
N GLU A 111 -6.04 0.26 19.80
CA GLU A 111 -6.45 -0.96 20.49
C GLU A 111 -7.96 -1.02 20.58
N ARG A 112 -8.53 -2.20 20.32
CA ARG A 112 -9.98 -2.35 20.37
C ARG A 112 -10.45 -2.87 21.74
N LEU A 113 -11.56 -2.31 22.21
CA LEU A 113 -12.13 -2.72 23.49
C LEU A 113 -13.22 -3.74 23.19
N SER A 114 -13.06 -4.94 23.74
CA SER A 114 -14.06 -5.98 23.52
C SER A 114 -15.10 -5.92 24.63
N ALA A 115 -14.83 -5.08 25.62
CA ALA A 115 -15.74 -4.90 26.74
C ALA A 115 -15.73 -3.43 27.10
N PRO A 116 -16.83 -2.93 27.68
CA PRO A 116 -16.84 -1.51 28.02
C PRO A 116 -15.92 -1.20 29.19
N VAL A 117 -15.48 0.05 29.27
CA VAL A 117 -14.61 0.48 30.36
C VAL A 117 -15.09 1.83 30.86
N VAL A 118 -14.80 2.13 32.11
CA VAL A 118 -15.19 3.40 32.71
C VAL A 118 -13.94 4.24 32.92
N GLU A 119 -13.96 5.47 32.39
CA GLU A 119 -12.81 6.35 32.53
C GLU A 119 -13.25 7.79 32.77
N ASN A 120 -12.33 8.60 33.27
CA ASN A 120 -12.60 10.02 33.47
C ASN A 120 -12.11 10.61 32.16
N VAL A 121 -12.92 11.46 31.56
CA VAL A 121 -12.55 12.04 30.28
C VAL A 121 -12.90 13.52 30.14
N VAL A 122 -12.16 14.16 29.24
CA VAL A 122 -12.38 15.56 28.90
C VAL A 122 -12.62 15.48 27.40
N GLY A 123 -13.88 15.37 27.01
CA GLY A 123 -14.19 15.19 25.62
C GLY A 123 -13.75 13.76 25.34
N ARG A 124 -12.94 13.56 24.30
CA ARG A 124 -12.46 12.22 23.96
C ARG A 124 -11.15 11.83 24.65
N GLU A 125 -10.51 12.79 25.32
CA GLU A 125 -9.24 12.48 25.98
C GLU A 125 -9.44 11.77 27.31
N ILE A 126 -8.77 10.64 27.46
CA ILE A 126 -8.86 9.85 28.68
C ILE A 126 -7.84 10.38 29.67
N VAL A 127 -8.32 10.82 30.84
CA VAL A 127 -7.42 11.34 31.87
C VAL A 127 -6.75 10.16 32.55
N PRO A 128 -5.40 10.13 32.56
CA PRO A 128 -4.70 9.02 33.20
C PRO A 128 -4.97 8.91 34.70
N ARG A 129 -5.01 7.67 35.18
CA ARG A 129 -5.26 7.41 36.58
C ARG A 129 -3.95 7.35 37.38
N PHE A 135 -2.74 17.28 35.53
CA PHE A 135 -3.30 17.02 34.22
C PHE A 135 -3.98 18.22 33.58
N VAL A 136 -3.59 18.51 32.36
CA VAL A 136 -4.17 19.60 31.60
C VAL A 136 -4.53 18.99 30.25
N PRO A 137 -5.81 19.06 29.86
CA PRO A 137 -6.16 18.47 28.57
C PRO A 137 -5.48 19.19 27.40
N LEU A 138 -5.06 18.40 26.42
CA LEU A 138 -4.39 18.91 25.25
C LEU A 138 -5.18 20.02 24.56
N GLU A 139 -6.50 19.86 24.46
CA GLU A 139 -7.33 20.88 23.82
C GLU A 139 -7.10 22.25 24.46
N LYS A 140 -6.92 22.27 25.77
CA LYS A 140 -6.68 23.52 26.48
C LYS A 140 -5.35 24.10 26.05
N LEU A 141 -4.31 23.26 26.06
CA LEU A 141 -2.98 23.71 25.65
C LEU A 141 -2.99 24.24 24.22
N ILE A 142 -3.70 23.56 23.34
CA ILE A 142 -3.76 24.00 21.95
C ILE A 142 -4.47 25.35 21.86
N GLN A 143 -5.58 25.49 22.59
CA GLN A 143 -6.32 26.75 22.58
C GLN A 143 -5.51 27.91 23.15
N GLU A 144 -4.63 27.63 24.13
CA GLU A 144 -3.79 28.69 24.69
C GLU A 144 -2.91 29.23 23.57
N GLU A 145 -2.29 28.31 22.83
CA GLU A 145 -1.41 28.70 21.72
C GLU A 145 -2.14 29.49 20.65
N GLU A 146 -3.36 29.05 20.31
CA GLU A 146 -4.16 29.71 19.30
C GLU A 146 -4.52 31.12 19.67
N GLU A 147 -4.86 31.34 20.95
CA GLU A 147 -5.20 32.67 21.42
C GLU A 147 -4.00 33.58 21.17
N ALA A 148 -2.81 33.05 21.40
CA ALA A 148 -1.58 33.80 21.19
C ALA A 148 -1.16 33.71 19.73
N VAL A 154 -10.47 32.38 19.63
CA VAL A 154 -10.63 32.36 18.17
C VAL A 154 -12.10 32.20 17.81
N GLY A 155 -12.66 31.03 18.07
CA GLY A 155 -14.07 30.80 17.79
C GLY A 155 -14.42 29.54 17.02
N ARG A 156 -13.48 29.04 16.22
CA ARG A 156 -13.75 27.84 15.41
C ARG A 156 -13.74 26.53 16.19
N TYR A 157 -13.36 26.58 17.47
CA TYR A 157 -13.30 25.38 18.29
C TYR A 157 -14.06 25.58 19.59
N PRO A 158 -14.92 24.61 19.96
CA PRO A 158 -15.71 24.67 21.19
C PRO A 158 -14.87 24.83 22.46
N ARG A 159 -15.46 25.44 23.47
CA ARG A 159 -14.77 25.62 24.73
C ARG A 159 -14.43 24.24 25.28
N VAL A 160 -13.36 24.15 26.07
CA VAL A 160 -12.96 22.87 26.63
C VAL A 160 -13.98 22.36 27.63
N PRO A 161 -14.46 21.12 27.45
CA PRO A 161 -15.44 20.50 28.34
C PRO A 161 -14.86 20.22 29.72
N ASP A 162 -15.73 20.06 30.71
CA ASP A 162 -15.29 19.73 32.06
C ASP A 162 -15.12 18.22 32.13
N VAL A 163 -14.26 17.74 33.02
CA VAL A 163 -14.03 16.30 33.13
C VAL A 163 -15.31 15.57 33.52
N GLN A 164 -15.47 14.36 33.03
CA GLN A 164 -16.65 13.58 33.36
C GLN A 164 -16.37 12.10 33.32
N GLN A 165 -17.16 11.34 34.07
CA GLN A 165 -17.02 9.90 34.09
C GLN A 165 -17.83 9.38 32.90
N LYS A 166 -17.20 8.56 32.05
CA LYS A 166 -17.91 8.02 30.90
C LYS A 166 -17.68 6.54 30.68
N THR A 167 -18.74 5.85 30.25
CA THR A 167 -18.66 4.43 29.97
C THR A 167 -18.41 4.31 28.47
N ILE A 168 -17.20 3.90 28.11
CA ILE A 168 -16.83 3.74 26.72
C ILE A 168 -17.30 2.36 26.28
N PRO A 169 -18.25 2.33 25.34
CA PRO A 169 -18.83 1.08 24.82
C PRO A 169 -17.89 0.06 24.17
N ALA A 170 -18.23 -1.21 24.31
CA ALA A 170 -17.45 -2.27 23.69
C ALA A 170 -17.48 -1.94 22.21
N GLY A 171 -16.42 -2.29 21.48
CA GLY A 171 -16.38 -1.99 20.07
C GLY A 171 -15.67 -0.67 19.81
N SER A 172 -15.46 0.10 20.88
CA SER A 172 -14.77 1.38 20.78
C SER A 172 -13.28 1.08 20.70
N PHE A 173 -12.48 2.07 20.34
CA PHE A 173 -11.04 1.89 20.22
C PHE A 173 -10.29 2.88 21.11
N LEU A 174 -9.16 2.44 21.66
CA LEU A 174 -8.32 3.32 22.47
C LEU A 174 -7.26 3.78 21.51
N VAL A 175 -7.02 5.08 21.45
CA VAL A 175 -6.03 5.59 20.52
C VAL A 175 -4.99 6.41 21.25
N THR A 176 -3.75 5.93 21.22
CA THR A 176 -2.68 6.65 21.86
C THR A 176 -1.96 7.42 20.76
N ALA A 177 -1.92 8.74 20.90
CA ALA A 177 -1.28 9.60 19.92
C ALA A 177 0.13 9.94 20.42
N ILE A 178 1.11 9.51 19.65
CA ILE A 178 2.52 9.72 19.95
C ILE A 178 3.04 10.73 18.93
N ASN A 179 3.25 11.96 19.39
CA ASN A 179 3.67 13.03 18.51
C ASN A 179 5.07 13.60 18.68
N ILE A 180 5.75 13.81 17.55
CA ILE A 180 7.09 14.39 17.52
C ILE A 180 7.16 15.28 16.28
N GLY A 181 7.01 16.59 16.46
CA GLY A 181 7.07 17.48 15.32
C GLY A 181 5.78 18.21 15.04
N ASP A 182 5.51 18.50 13.76
CA ASP A 182 4.29 19.22 13.43
C ASP A 182 3.31 18.51 12.50
N SER A 183 3.43 17.20 12.37
CA SER A 183 2.44 16.48 11.56
C SER A 183 1.28 16.38 12.55
N ARG A 184 0.09 16.01 12.09
CA ARG A 184 -1.04 15.97 13.01
C ARG A 184 -1.97 14.78 12.86
N ALA A 185 -2.78 14.57 13.90
CA ALA A 185 -3.78 13.51 13.89
C ALA A 185 -5.08 14.13 14.39
N THR A 186 -6.17 13.76 13.76
CA THR A 186 -7.48 14.29 14.13
C THR A 186 -8.54 13.21 14.09
N LEU A 187 -9.46 13.23 15.05
CA LEU A 187 -10.57 12.30 15.06
C LEU A 187 -11.78 13.11 14.67
N ILE A 188 -12.45 12.70 13.60
CA ILE A 188 -13.66 13.40 13.18
C ILE A 188 -14.82 12.52 13.64
N HIS A 189 -15.68 13.08 14.48
CA HIS A 189 -16.82 12.34 15.02
C HIS A 189 -17.93 12.23 13.98
N SER A 190 -18.84 11.30 14.19
CA SER A 190 -19.94 11.13 13.24
C SER A 190 -20.80 12.39 13.15
N ASP A 191 -20.92 13.14 14.25
CA ASP A 191 -21.73 14.36 14.26
C ASP A 191 -21.02 15.59 13.69
N GLY A 192 -19.80 15.41 13.22
CA GLY A 192 -19.08 16.54 12.64
C GLY A 192 -18.03 17.14 13.55
N GLY A 193 -18.18 16.94 14.85
CA GLY A 193 -17.22 17.46 15.81
C GLY A 193 -15.85 16.84 15.58
N LEU A 194 -14.81 17.41 16.18
CA LEU A 194 -13.48 16.88 16.00
C LEU A 194 -12.65 16.95 17.28
N THR A 195 -11.71 16.03 17.39
CA THR A 195 -10.79 15.97 18.52
C THR A 195 -9.38 16.09 17.96
N ARG A 196 -8.61 17.03 18.48
CA ARG A 196 -7.24 17.23 18.04
C ARG A 196 -6.34 16.35 18.91
N LEU A 197 -5.67 15.38 18.28
CA LEU A 197 -4.83 14.43 19.01
C LEU A 197 -3.38 14.84 19.20
N SER A 198 -2.98 15.96 18.62
CA SER A 198 -1.60 16.41 18.75
C SER A 198 -1.47 17.92 18.79
N LYS A 199 -0.32 18.39 19.27
CA LYS A 199 0.00 19.82 19.34
C LYS A 199 1.41 19.96 18.76
N ASP A 200 1.57 20.82 17.76
CA ASP A 200 2.85 20.99 17.12
C ASP A 200 3.97 21.42 18.07
N HIS A 201 5.17 20.88 17.85
CA HIS A 201 6.37 21.20 18.64
C HIS A 201 7.13 22.33 17.94
N LYS A 202 6.95 23.56 18.39
CA LYS A 202 7.66 24.67 17.75
C LYS A 202 8.70 25.28 18.69
N PRO A 203 9.86 25.69 18.15
CA PRO A 203 10.98 26.29 18.90
C PRO A 203 10.65 27.51 19.75
N ASN A 204 9.67 28.29 19.31
CA ASN A 204 9.27 29.50 20.02
C ASN A 204 8.31 29.30 21.19
N HIS A 205 7.80 28.08 21.35
CA HIS A 205 6.90 27.79 22.46
C HIS A 205 7.71 27.61 23.75
N PRO A 206 7.20 28.12 24.89
CA PRO A 206 7.83 28.07 26.22
C PRO A 206 8.65 26.84 26.58
N THR A 207 7.99 25.70 26.73
CA THR A 207 8.68 24.47 27.11
C THR A 207 9.86 24.13 26.18
N GLU A 208 9.70 24.36 24.89
CA GLU A 208 10.74 24.06 23.92
C GLU A 208 11.89 25.08 23.98
N ALA A 209 11.54 26.36 24.04
CA ALA A 209 12.54 27.43 24.12
C ALA A 209 13.40 27.26 25.37
N SER A 210 12.78 26.87 26.48
CA SER A 210 13.50 26.67 27.72
C SER A 210 14.59 25.61 27.57
N ARG A 211 14.21 24.48 26.99
CA ARG A 211 15.17 23.40 26.78
C ARG A 211 16.30 23.87 25.87
N ILE A 212 15.93 24.46 24.74
CA ILE A 212 16.91 24.93 23.76
C ILE A 212 17.95 25.87 24.40
N GLU A 213 17.48 26.84 25.17
CA GLU A 213 18.38 27.77 25.83
C GLU A 213 19.30 27.07 26.83
N LYS A 214 18.73 26.16 27.61
CA LYS A 214 19.49 25.41 28.60
C LYS A 214 20.58 24.60 27.92
N ALA A 215 20.32 24.17 26.69
CA ALA A 215 21.30 23.39 25.94
C ALA A 215 22.27 24.27 25.15
N GLY A 216 22.21 25.57 25.39
CA GLY A 216 23.10 26.50 24.71
C GLY A 216 22.69 26.90 23.30
N GLY A 217 21.41 26.75 22.99
CA GLY A 217 20.92 27.12 21.67
C GLY A 217 20.14 28.41 21.66
N SER A 218 19.80 28.89 20.47
CA SER A 218 19.04 30.13 20.32
C SER A 218 17.78 29.84 19.51
N VAL A 219 16.84 30.78 19.51
CA VAL A 219 15.62 30.66 18.74
C VAL A 219 15.44 31.97 17.98
N GLU A 220 15.86 31.97 16.73
CA GLU A 220 15.77 33.18 15.92
C GLU A 220 14.74 33.09 14.80
N THR A 221 13.98 34.17 14.62
CA THR A 221 12.95 34.24 13.60
C THR A 221 13.39 34.90 12.30
N PHE A 222 13.35 34.13 11.23
CA PHE A 222 13.69 34.64 9.90
C PHE A 222 12.37 34.61 9.19
N ASP A 223 12.11 33.52 8.47
CA ASP A 223 10.85 33.36 7.79
C ASP A 223 9.95 32.82 8.90
N VAL A 224 10.54 31.93 9.69
CA VAL A 224 9.86 31.30 10.81
C VAL A 224 10.86 31.07 11.95
N PRO A 225 10.36 31.07 13.20
CA PRO A 225 11.29 30.84 14.32
C PRO A 225 12.08 29.56 14.06
N ARG A 226 13.40 29.65 14.14
CA ARG A 226 14.26 28.50 13.89
C ARG A 226 15.29 28.28 14.99
N VAL A 227 15.59 27.02 15.29
CA VAL A 227 16.58 26.69 16.30
C VAL A 227 17.94 27.01 15.74
N ASP A 228 18.68 27.88 16.42
CA ASP A 228 20.00 28.30 15.96
C ASP A 228 19.83 28.96 14.60
N GLY A 229 18.60 29.36 14.31
CA GLY A 229 18.30 29.98 13.03
C GLY A 229 18.39 29.00 11.88
N VAL A 230 18.19 27.71 12.18
CA VAL A 230 18.27 26.68 11.15
C VAL A 230 17.07 25.74 11.06
N LEU A 231 16.77 25.05 12.15
CA LEU A 231 15.66 24.09 12.16
C LEU A 231 14.31 24.70 12.56
N ALA A 232 13.30 24.46 11.74
CA ALA A 232 11.97 24.98 12.02
C ALA A 232 11.24 24.19 13.11
N LEU A 233 11.68 22.97 13.39
CA LEU A 233 11.06 22.13 14.42
C LEU A 233 11.99 21.97 15.61
N SER A 234 11.41 21.77 16.80
CA SER A 234 12.18 21.60 18.02
C SER A 234 12.31 20.13 18.42
N ARG A 235 11.55 19.26 17.77
CA ARG A 235 11.62 17.83 18.06
C ARG A 235 11.58 17.05 16.76
N ALA A 236 12.37 15.98 16.70
CA ALA A 236 12.44 15.17 15.50
C ALA A 236 13.44 14.03 15.64
N PHE A 237 13.21 12.96 14.88
CA PHE A 237 14.13 11.85 14.86
C PHE A 237 15.25 12.33 13.97
N GLY A 238 16.46 11.82 14.18
CA GLY A 238 17.58 12.24 13.36
C GLY A 238 18.10 13.60 13.80
N ASP A 239 18.49 14.44 12.83
CA ASP A 239 19.02 15.77 13.15
C ASP A 239 20.13 15.63 14.20
N SER A 240 21.09 14.77 13.90
CA SER A 240 22.23 14.50 14.78
C SER A 240 23.04 15.71 15.21
N ASP A 241 23.22 16.66 14.31
CA ASP A 241 24.02 17.85 14.62
C ASP A 241 23.46 18.71 15.76
N PHE A 242 22.18 18.53 16.10
CA PHE A 242 21.55 19.32 17.16
C PHE A 242 21.38 18.54 18.46
N LYS A 243 22.10 17.45 18.59
CA LYS A 243 22.04 16.60 19.77
C LYS A 243 23.45 16.24 20.23
N ASN A 245 25.38 18.03 22.50
CA ASN A 245 25.82 18.69 23.72
C ASN A 245 26.61 17.77 24.65
N PRO A 246 26.09 16.55 24.93
CA PRO A 246 26.77 15.62 25.82
C PRO A 246 27.42 16.09 27.11
N ASN A 247 26.61 16.83 27.88
CA ASN A 247 26.89 17.37 29.20
C ASN A 247 25.45 17.28 29.66
N LEU A 248 24.63 16.88 28.69
CA LEU A 248 23.19 16.70 28.82
C LEU A 248 22.80 15.40 28.14
N PRO A 249 21.82 14.69 28.69
CA PRO A 249 21.37 13.43 28.10
C PRO A 249 20.69 13.75 26.78
N PRO A 250 20.36 12.71 25.99
CA PRO A 250 19.69 12.95 24.70
C PRO A 250 18.35 13.66 24.85
N GLU A 251 17.65 13.39 25.95
CA GLU A 251 16.33 13.99 26.18
C GLU A 251 16.31 15.47 26.57
N GLU A 252 17.50 16.07 26.73
CA GLU A 252 17.60 17.49 27.07
C GLU A 252 18.41 18.26 26.05
N GLN A 253 18.55 17.69 24.85
CA GLN A 253 19.30 18.35 23.80
C GLN A 253 18.45 19.45 23.15
N LYS A 254 19.09 20.26 22.31
CA LYS A 254 18.37 21.34 21.63
C LYS A 254 17.14 20.78 20.93
N VAL A 255 17.34 19.71 20.16
CA VAL A 255 16.23 19.06 19.48
C VAL A 255 16.19 17.64 20.04
N ILE A 256 15.01 17.20 20.45
CA ILE A 256 14.90 15.88 21.03
C ILE A 256 13.92 14.98 20.30
N ALA A 257 14.05 13.69 20.57
CA ALA A 257 13.18 12.69 19.97
C ALA A 257 12.23 12.15 21.05
N VAL A 258 11.86 13.02 21.99
CA VAL A 258 10.92 12.63 23.04
C VAL A 258 9.52 13.06 22.58
N PRO A 259 8.58 12.11 22.53
CA PRO A 259 7.23 12.47 22.08
C PRO A 259 6.27 12.95 23.16
N ASP A 260 5.15 13.52 22.73
CA ASP A 260 4.11 13.91 23.65
C ASP A 260 3.25 12.65 23.53
N VAL A 261 2.74 12.14 24.65
CA VAL A 261 1.91 10.94 24.61
C VAL A 261 0.54 11.22 25.26
N ARG A 262 -0.51 11.11 24.47
CA ARG A 262 -1.87 11.34 24.95
C ARG A 262 -2.77 10.22 24.48
N GLN A 263 -3.82 9.92 25.25
CA GLN A 263 -4.73 8.85 24.88
C GLN A 263 -6.16 9.33 24.76
N PHE A 264 -6.85 8.82 23.75
CA PHE A 264 -8.22 9.19 23.47
C PHE A 264 -9.01 7.97 23.11
N TYR A 265 -10.33 8.07 23.19
CA TYR A 265 -11.14 6.94 22.80
C TYR A 265 -11.86 7.31 21.53
N ALA A 266 -12.00 6.33 20.65
CA ALA A 266 -12.68 6.56 19.39
C ALA A 266 -13.86 5.61 19.27
N LEU A 267 -14.98 6.12 18.79
CA LEU A 267 -16.16 5.29 18.60
C LEU A 267 -16.04 4.67 17.22
N SER A 268 -16.68 3.52 17.04
CA SER A 268 -16.63 2.81 15.77
C SER A 268 -17.10 3.64 14.59
N SER A 269 -17.79 4.75 14.87
CA SER A 269 -18.30 5.61 13.80
C SER A 269 -17.36 6.78 13.48
N ASP A 270 -16.22 6.86 14.15
CA ASP A 270 -15.25 7.92 13.93
C ASP A 270 -14.41 7.71 12.67
N LEU A 271 -13.66 8.74 12.33
CA LEU A 271 -12.72 8.72 11.22
C LEU A 271 -11.44 9.31 11.82
N LEU A 272 -10.33 8.62 11.65
CA LEU A 272 -9.05 9.07 12.15
C LEU A 272 -8.26 9.60 10.96
N LEU A 273 -7.76 10.82 11.02
CA LEU A 273 -6.97 11.32 9.90
C LEU A 273 -5.63 11.87 10.35
N LEU A 274 -4.58 11.29 9.79
CA LEU A 274 -3.21 11.69 10.06
C LEU A 274 -2.73 12.42 8.82
N ALA A 275 -2.07 13.55 9.01
CA ALA A 275 -1.58 14.33 7.87
C ALA A 275 -0.34 15.10 8.26
N CYS A 276 0.52 15.34 7.26
CA CYS A 276 1.74 16.09 7.50
C CYS A 276 1.44 17.58 7.43
N ASP A 277 2.43 18.38 7.78
CA ASP A 277 2.30 19.83 7.78
C ASP A 277 1.86 20.40 6.44
N GLY A 278 2.23 19.71 5.36
CA GLY A 278 1.88 20.18 4.02
C GLY A 278 0.39 20.43 3.81
N VAL A 279 -0.44 19.63 4.48
CA VAL A 279 -1.88 19.76 4.37
C VAL A 279 -2.38 21.02 5.08
N TYR A 280 -1.70 21.40 6.16
CA TYR A 280 -2.09 22.57 6.96
C TYR A 280 -1.30 23.84 6.71
N GLU A 281 -0.42 23.85 5.72
CA GLU A 281 0.38 25.03 5.49
C GLU A 281 -0.36 26.26 4.93
N PRO A 282 -1.26 26.07 3.95
CA PRO A 282 -2.00 27.19 3.38
C PRO A 282 -2.48 28.06 4.54
N SER A 283 -2.68 29.35 4.37
CA SER A 283 -2.93 30.00 5.62
C SER A 283 -4.16 30.71 5.75
N GLY A 284 -5.00 29.67 5.87
CA GLY A 284 -6.40 29.58 6.06
C GLY A 284 -6.61 28.19 6.63
N ASP A 286 -6.82 25.16 8.55
CA ASP A 286 -6.56 24.73 9.90
C ASP A 286 -7.26 23.43 10.17
N TRP A 287 -7.22 22.97 11.42
CA TRP A 287 -7.87 21.71 11.78
C TRP A 287 -9.35 21.74 11.36
N ALA A 288 -10.04 22.84 11.69
CA ALA A 288 -11.46 22.98 11.38
C ALA A 288 -11.79 22.89 9.89
N TYR A 289 -11.03 23.61 9.07
CA TYR A 289 -11.31 23.58 7.64
C TYR A 289 -11.10 22.19 7.07
N VAL A 290 -10.06 21.50 7.53
CA VAL A 290 -9.81 20.15 7.05
C VAL A 290 -11.01 19.26 7.39
N ARG A 291 -11.57 19.45 8.59
CA ARG A 291 -12.74 18.68 9.02
C ARG A 291 -13.91 18.96 8.08
N ASP A 292 -14.11 20.22 7.75
CA ASP A 292 -15.20 20.60 6.85
C ASP A 292 -15.05 19.93 5.49
N LEU A 293 -13.83 19.92 4.96
CA LEU A 293 -13.58 19.29 3.66
C LEU A 293 -13.89 17.80 3.74
N THR A 294 -13.38 17.15 4.78
CA THR A 294 -13.60 15.73 4.95
C THR A 294 -15.09 15.43 5.06
N VAL A 295 -15.78 16.19 5.91
CA VAL A 295 -17.22 16.00 6.08
C VAL A 295 -17.97 16.18 4.77
N ALA A 296 -17.64 17.25 4.05
CA ALA A 296 -18.31 17.54 2.79
C ALA A 296 -18.05 16.49 1.73
N GLU A 297 -16.81 16.03 1.62
CA GLU A 297 -16.47 15.03 0.62
C GLU A 297 -17.02 13.64 0.97
N GLN A 299 -19.80 13.18 2.24
CA GLN A 299 -21.19 13.33 1.82
C GLN A 299 -21.29 13.19 0.30
N ARG A 300 -20.62 14.10 -0.39
CA ARG A 300 -20.64 14.15 -1.85
C ARG A 300 -20.17 12.87 -2.56
N SER A 301 -19.19 12.17 -1.97
CA SER A 301 -18.67 10.95 -2.60
C SER A 301 -19.42 9.71 -2.15
N LYS A 302 -20.35 9.88 -1.21
CA LYS A 302 -21.12 8.75 -0.70
C LYS A 302 -20.24 7.85 0.16
N GLY A 303 -19.32 8.47 0.89
CA GLY A 303 -18.44 7.71 1.77
C GLY A 303 -17.20 7.05 1.19
N ASP A 304 -16.80 7.42 -0.02
CA ASP A 304 -15.59 6.80 -0.59
C ASP A 304 -14.35 7.41 0.06
N LEU A 305 -13.70 6.64 0.93
CA LEU A 305 -12.52 7.10 1.65
C LEU A 305 -11.38 7.53 0.75
N GLU A 306 -11.11 6.74 -0.29
CA GLU A 306 -10.02 7.05 -1.20
C GLU A 306 -10.21 8.41 -1.88
N GLU A 307 -11.44 8.74 -2.23
CA GLU A 307 -11.71 10.01 -2.89
C GLU A 307 -11.57 11.19 -1.95
N VAL A 308 -11.97 11.01 -0.69
CA VAL A 308 -11.88 12.11 0.27
C VAL A 308 -10.43 12.44 0.61
N ALA A 309 -9.57 11.44 0.65
CA ALA A 309 -8.16 11.68 0.94
C ALA A 309 -7.58 12.43 -0.26
N ALA A 310 -7.95 11.99 -1.46
CA ALA A 310 -7.47 12.61 -2.68
C ALA A 310 -7.93 14.06 -2.79
N ARG A 311 -9.15 14.35 -2.35
CA ARG A 311 -9.69 15.69 -2.43
C ARG A 311 -9.07 16.65 -1.41
N VAL A 312 -8.79 16.17 -0.21
CA VAL A 312 -8.18 17.02 0.79
C VAL A 312 -6.75 17.35 0.34
N ASP A 314 -5.72 17.53 -2.88
CA ASP A 314 -5.82 18.50 -3.97
C ASP A 314 -6.13 19.90 -3.43
N TYR A 315 -7.02 20.01 -2.44
CA TYR A 315 -7.35 21.32 -1.90
C TYR A 315 -6.12 22.02 -1.36
N ALA A 316 -5.31 21.29 -0.60
CA ALA A 316 -4.09 21.85 -0.03
C ALA A 316 -3.16 22.33 -1.14
N TYR A 317 -3.02 21.51 -2.18
CA TYR A 317 -2.16 21.86 -3.30
C TYR A 317 -2.70 23.11 -3.98
N ASP A 318 -4.01 23.11 -4.23
CA ASP A 318 -4.65 24.25 -4.89
C ASP A 318 -4.55 25.52 -4.06
N ASN A 320 -2.10 26.49 -2.71
CA ASN A 320 -0.68 26.82 -2.81
C ASN A 320 0.28 26.30 -1.75
N SER A 321 0.03 25.09 -1.22
CA SER A 321 0.96 24.53 -0.25
C SER A 321 2.25 24.28 -1.02
N GLN A 322 3.38 24.58 -0.40
CA GLN A 322 4.68 24.40 -1.07
C GLN A 322 5.43 23.19 -0.53
N ASP A 323 4.71 22.32 0.17
CA ASP A 323 5.33 21.15 0.80
C ASP A 323 4.81 19.83 0.22
N ASN A 324 5.43 18.73 0.64
CA ASN A 324 4.97 17.42 0.20
C ASN A 324 3.64 17.28 0.95
N ILE A 325 2.70 16.56 0.36
CA ILE A 325 1.38 16.42 0.98
C ILE A 325 1.07 14.93 1.15
N SER A 326 0.76 14.55 2.38
CA SER A 326 0.46 13.15 2.70
C SER A 326 -0.70 13.03 3.67
N VAL A 327 -1.57 12.08 3.41
CA VAL A 327 -2.72 11.87 4.28
C VAL A 327 -3.00 10.40 4.45
N LEU A 329 -6.19 8.00 6.20
CA LEU A 329 -7.50 8.02 6.83
C LEU A 329 -7.83 6.63 7.31
N VAL A 330 -8.43 6.53 8.49
CA VAL A 330 -8.81 5.23 9.02
C VAL A 330 -10.27 5.27 9.42
N ALA A 331 -11.03 4.29 8.94
CA ALA A 331 -12.44 4.17 9.29
C ALA A 331 -12.48 2.92 10.17
N PHE A 332 -13.39 2.88 11.12
CA PHE A 332 -13.50 1.72 12.01
C PHE A 332 -14.76 0.90 11.77
N HIS A 333 -14.66 -0.39 12.08
CA HIS A 333 -15.77 -1.33 11.91
C HIS A 333 -16.19 -1.97 13.23
N ASN A 334 -17.44 -2.40 13.28
CA ASN A 334 -17.99 -3.05 14.45
C ASN A 334 -17.66 -4.54 14.45
N GLN A 335 -17.39 -5.08 13.27
CA GLN A 335 -17.06 -6.49 13.10
C GLN A 335 -15.77 -6.65 12.29
N GLU A 336 -14.98 -7.66 12.65
CA GLU A 336 -13.72 -7.97 11.98
C GLU A 336 -14.00 -8.02 10.49
N VAL A 337 -13.06 -7.55 9.67
CA VAL A 337 -13.26 -7.60 8.23
C VAL A 337 -13.19 -9.06 7.80
N GLU A 338 -14.24 -9.53 7.12
CA GLU A 338 -14.31 -10.92 6.65
C GLU A 338 -13.22 -11.31 5.67
N HIS A 339 -13.09 -10.56 4.59
CA HIS A 339 -12.09 -10.86 3.57
C HIS A 339 -11.09 -9.73 3.43
N PRO A 340 -9.99 -9.78 4.20
CA PRO A 340 -8.98 -8.72 4.13
C PRO A 340 -8.28 -8.62 2.78
N THR A 341 -7.97 -7.39 2.40
CA THR A 341 -7.30 -7.14 1.14
C THR A 341 -6.42 -5.90 1.25
N ALA A 342 -5.41 -5.83 0.39
CA ALA A 342 -4.51 -4.68 0.32
C ALA A 342 -4.57 -4.39 -1.17
N VAL A 343 -5.10 -3.23 -1.54
CA VAL A 343 -5.26 -2.87 -2.93
C VAL A 343 -4.63 -1.51 -3.24
N TYR A 344 -3.96 -1.43 -4.40
CA TYR A 344 -3.32 -0.20 -4.82
C TYR A 344 -3.97 0.22 -6.15
N LYS A 345 -4.56 1.41 -6.17
CA LYS A 345 -5.24 1.91 -7.37
C LYS A 345 -5.11 3.42 -7.48
N VAL A 346 -5.53 3.97 -8.62
CA VAL A 346 -5.47 5.41 -8.85
C VAL A 346 -6.86 6.04 -8.77
N VAL A 347 -6.90 7.23 -8.16
CA VAL A 347 -8.12 8.02 -7.96
C VAL A 347 -8.91 7.56 -6.75
N LYS B 3 6.48 6.63 -8.97
CA LYS B 3 7.65 6.52 -8.07
C LYS B 3 7.20 6.26 -6.63
N LYS B 4 5.88 6.16 -6.46
CA LYS B 4 5.31 5.89 -5.15
C LYS B 4 5.16 4.38 -5.04
N VAL B 5 5.79 3.82 -4.01
CA VAL B 5 5.78 2.38 -3.83
C VAL B 5 5.22 1.90 -2.50
N ILE B 6 4.53 0.77 -2.54
CA ILE B 6 3.98 0.15 -1.33
C ILE B 6 4.79 -1.10 -1.13
N THR B 7 5.31 -1.30 0.08
CA THR B 7 6.08 -2.49 0.38
C THR B 7 5.43 -3.15 1.58
N VAL B 8 5.03 -4.41 1.39
CA VAL B 8 4.39 -5.18 2.43
C VAL B 8 5.29 -6.34 2.84
N ASN B 9 5.71 -6.32 4.10
CA ASN B 9 6.56 -7.39 4.65
C ASN B 9 5.68 -8.19 5.60
N GLU B 10 5.22 -9.35 5.14
CA GLU B 10 4.34 -10.21 5.94
C GLU B 10 4.52 -11.67 5.59
N TRP B 11 4.02 -12.55 6.49
CA TRP B 11 4.06 -13.97 6.22
C TRP B 11 5.47 -14.41 5.79
N TYR B 12 5.62 -14.95 4.59
CA TYR B 12 6.93 -15.41 4.11
C TYR B 12 7.37 -14.65 2.86
N THR B 13 6.82 -13.47 2.67
CA THR B 13 7.11 -12.68 1.50
C THR B 13 7.33 -11.18 1.72
N THR B 14 8.00 -10.57 0.74
CA THR B 14 8.20 -9.14 0.72
C THR B 14 7.66 -8.78 -0.64
N THR B 15 6.61 -7.97 -0.65
CA THR B 15 5.94 -7.57 -1.89
C THR B 15 6.00 -6.07 -2.12
N VAL B 16 6.37 -5.66 -3.32
CA VAL B 16 6.42 -4.24 -3.67
C VAL B 16 5.59 -4.02 -4.92
N ALA B 17 4.81 -2.94 -4.95
CA ALA B 17 3.98 -2.65 -6.09
C ALA B 17 3.96 -1.16 -6.39
N ALA B 18 3.79 -0.83 -7.67
CA ALA B 18 3.73 0.56 -8.09
C ALA B 18 3.02 0.65 -9.43
N THR B 19 2.48 1.82 -9.71
CA THR B 19 1.78 2.05 -10.96
C THR B 19 2.03 3.49 -11.40
N LEU B 21 0.72 6.49 -14.63
CA LEU B 21 -0.15 6.80 -15.75
C LEU B 21 0.60 6.72 -17.07
N GLY B 22 1.87 7.11 -17.04
CA GLY B 22 2.64 7.09 -18.27
C GLY B 22 2.07 8.17 -19.18
N ARG B 23 1.91 7.86 -20.46
CA ARG B 23 1.39 8.85 -21.41
C ARG B 23 -0.15 8.85 -21.52
N ARG B 24 -0.80 8.06 -20.67
CA ARG B 24 -2.25 7.95 -20.67
C ARG B 24 -2.87 9.00 -19.74
N PRO B 25 -4.10 9.46 -20.04
CA PRO B 25 -4.82 10.46 -19.26
C PRO B 25 -5.26 9.96 -17.88
N THR B 26 -5.61 8.68 -17.79
CA THR B 26 -6.02 8.08 -16.52
C THR B 26 -5.25 6.78 -16.33
N ASP B 27 -5.29 6.22 -15.13
CA ASP B 27 -4.61 4.96 -14.83
C ASP B 27 -5.69 3.99 -14.38
N GLU B 28 -6.01 3.02 -15.24
CA GLU B 28 -7.02 2.04 -14.90
C GLU B 28 -6.46 0.70 -14.47
N ASP B 29 -5.23 0.70 -14.00
CA ASP B 29 -4.61 -0.53 -13.52
C ASP B 29 -4.94 -0.59 -12.03
N ALA B 30 -5.19 -1.80 -11.52
CA ALA B 30 -5.48 -1.98 -10.10
C ALA B 30 -4.68 -3.18 -9.66
N ILE B 31 -4.05 -3.08 -8.49
CA ILE B 31 -3.23 -4.17 -7.99
C ILE B 31 -3.69 -4.75 -6.67
N LEU B 32 -3.90 -6.06 -6.66
CA LEU B 32 -4.28 -6.73 -5.43
C LEU B 32 -2.92 -7.13 -4.86
N VAL B 33 -2.43 -6.32 -3.94
CA VAL B 33 -1.13 -6.56 -3.31
C VAL B 33 -1.09 -7.82 -2.45
N SER B 34 -2.21 -8.13 -1.79
CA SER B 34 -2.25 -9.32 -0.97
C SER B 34 -3.62 -9.58 -0.38
N ALA B 35 -3.95 -10.85 -0.23
CA ALA B 35 -5.21 -11.28 0.33
C ALA B 35 -5.04 -12.72 0.77
N PRO B 36 -5.56 -13.07 1.96
CA PRO B 36 -5.45 -14.43 2.49
C PRO B 36 -6.41 -15.36 1.75
N PRO B 41 -5.44 -21.28 5.21
CA PRO B 41 -4.23 -20.61 5.69
C PRO B 41 -2.99 -21.06 4.92
N ASN B 42 -1.94 -20.27 5.00
CA ASN B 42 -0.72 -20.66 4.31
C ASN B 42 -0.87 -20.44 2.79
N VAL B 43 -1.85 -19.63 2.43
CA VAL B 43 -2.11 -19.29 1.03
C VAL B 43 -2.33 -17.79 0.88
N ARG B 44 -1.69 -17.20 -0.10
CA ARG B 44 -1.86 -15.79 -0.39
C ARG B 44 -2.72 -15.56 -1.62
N ILE B 45 -3.05 -14.59 -2.12
CA ILE B 45 -3.45 -14.28 -3.49
C ILE B 45 -3.01 -12.88 -3.86
N LYS B 46 -2.41 -12.75 -5.03
CA LYS B 46 -1.95 -11.45 -5.50
C LYS B 46 -2.34 -11.31 -6.97
N ALA B 47 -2.48 -10.08 -7.45
CA ALA B 47 -2.88 -9.90 -8.82
C ALA B 47 -2.71 -8.50 -9.35
N VAL B 48 -2.65 -8.42 -10.68
CA VAL B 48 -2.56 -7.13 -11.38
C VAL B 48 -3.72 -7.15 -12.39
N PHE B 49 -4.60 -6.17 -12.27
CA PHE B 49 -5.75 -6.05 -13.15
C PHE B 49 -5.60 -4.79 -14.01
N ASP B 50 -5.57 -4.98 -15.33
CA ASP B 50 -5.41 -3.88 -16.28
C ASP B 50 -6.73 -3.62 -16.98
N GLY B 51 -7.38 -2.54 -16.58
CA GLY B 51 -8.65 -2.19 -17.17
C GLY B 51 -8.58 -1.37 -18.45
N HIS B 52 -9.70 -1.34 -19.18
CA HIS B 52 -9.80 -0.56 -20.41
C HIS B 52 -11.23 -0.08 -20.56
N ALA B 53 -11.38 1.10 -21.16
CA ALA B 53 -12.69 1.72 -21.35
C ALA B 53 -13.30 2.00 -19.97
N GLY B 54 -12.45 2.21 -18.97
CA GLY B 54 -12.94 2.49 -17.64
C GLY B 54 -12.12 1.82 -16.55
N GLU B 55 -12.26 2.31 -15.32
CA GLU B 55 -11.52 1.75 -14.18
C GLU B 55 -12.40 0.94 -13.25
N ALA B 56 -13.71 1.13 -13.34
CA ALA B 56 -14.64 0.43 -12.45
C ALA B 56 -14.40 -1.08 -12.36
N THR B 57 -14.30 -1.74 -13.51
CA THR B 57 -14.10 -3.18 -13.52
C THR B 57 -12.77 -3.66 -12.92
N SER B 58 -11.66 -3.03 -13.31
CA SER B 58 -10.36 -3.42 -12.80
C SER B 58 -10.30 -3.24 -11.28
N GLN B 59 -10.80 -2.10 -10.80
CA GLN B 59 -10.80 -1.83 -9.37
C GLN B 59 -11.76 -2.78 -8.64
N TYR B 60 -12.85 -3.14 -9.28
CA TYR B 60 -13.79 -4.06 -8.64
C TYR B 60 -13.10 -5.41 -8.44
N CYS B 61 -12.38 -5.85 -9.46
CA CYS B 61 -11.66 -7.13 -9.41
C CYS B 61 -10.66 -7.17 -8.27
N ALA B 62 -9.86 -6.10 -8.15
CA ALA B 62 -8.84 -6.03 -7.10
C ALA B 62 -9.48 -6.15 -5.72
N LYS B 63 -10.63 -5.52 -5.55
CA LYS B 63 -11.35 -5.52 -4.29
C LYS B 63 -12.12 -6.81 -3.96
N HIS B 64 -12.56 -7.53 -4.98
CA HIS B 64 -13.37 -8.73 -4.74
C HIS B 64 -12.93 -10.07 -5.32
N ALA B 65 -11.85 -10.10 -6.08
CA ALA B 65 -11.41 -11.38 -6.67
C ALA B 65 -11.08 -12.43 -5.62
N ALA B 66 -10.31 -12.04 -4.61
CA ALA B 66 -9.90 -12.96 -3.55
C ALA B 66 -11.10 -13.48 -2.76
N LYS B 67 -12.18 -12.72 -2.75
CA LYS B 67 -13.40 -13.13 -2.06
C LYS B 67 -13.83 -14.45 -2.69
N HIS B 68 -13.82 -14.48 -4.02
CA HIS B 68 -14.22 -15.66 -4.78
C HIS B 68 -13.19 -16.78 -4.80
N LEU B 69 -11.96 -16.43 -5.11
CA LEU B 69 -10.90 -17.43 -5.17
C LEU B 69 -10.52 -18.00 -3.80
N GLY B 70 -10.51 -17.15 -2.79
CA GLY B 70 -10.15 -17.60 -1.45
C GLY B 70 -11.01 -18.72 -0.93
N LYS B 71 -12.23 -18.84 -1.45
CA LYS B 71 -13.18 -19.86 -1.02
C LYS B 71 -12.80 -21.27 -1.48
N LEU B 72 -11.98 -21.36 -2.52
CA LEU B 72 -11.57 -22.64 -3.10
C LEU B 72 -10.77 -23.60 -2.25
N SER B 73 -11.19 -24.85 -2.30
CA SER B 73 -10.53 -25.94 -1.57
C SER B 73 -9.23 -26.25 -2.28
N GLU B 74 -9.26 -26.14 -3.61
CA GLU B 74 -8.09 -26.40 -4.44
C GLU B 74 -8.12 -25.46 -5.63
N PHE B 75 -6.94 -25.13 -6.15
CA PHE B 75 -6.84 -24.21 -7.28
C PHE B 75 -6.68 -24.91 -8.62
N THR B 76 -7.58 -25.85 -8.89
CA THR B 76 -7.59 -26.58 -10.13
C THR B 76 -8.29 -25.70 -11.17
N PHE B 77 -8.23 -26.09 -12.44
CA PHE B 77 -8.89 -25.30 -13.47
C PHE B 77 -10.40 -25.24 -13.29
N ALA B 78 -11.02 -26.39 -13.05
CA ALA B 78 -12.47 -26.42 -12.88
C ALA B 78 -12.94 -25.46 -11.80
N GLU B 79 -12.28 -25.52 -10.64
CA GLU B 79 -12.65 -24.66 -9.53
C GLU B 79 -12.34 -23.19 -9.76
N VAL B 80 -11.19 -22.90 -10.35
CA VAL B 80 -10.81 -21.52 -10.62
C VAL B 80 -11.72 -20.91 -11.69
N LYS B 81 -12.07 -21.71 -12.68
CA LYS B 81 -12.95 -21.24 -13.75
C LYS B 81 -14.31 -20.88 -13.17
N LYS B 82 -14.80 -21.69 -12.24
CA LYS B 82 -16.09 -21.42 -11.63
C LYS B 82 -15.99 -20.11 -10.87
N ALA B 83 -14.90 -19.92 -10.14
CA ALA B 83 -14.69 -18.71 -9.35
C ALA B 83 -14.68 -17.47 -10.23
N CYS B 84 -13.92 -17.52 -11.32
CA CYS B 84 -13.81 -16.38 -12.25
C CYS B 84 -15.14 -16.04 -12.93
N LEU B 85 -15.89 -17.05 -13.34
CA LEU B 85 -17.17 -16.81 -13.99
C LEU B 85 -18.14 -16.20 -13.01
N SER B 86 -18.02 -16.59 -11.74
CA SER B 86 -18.88 -16.06 -10.71
C SER B 86 -18.58 -14.58 -10.51
N LEU B 87 -17.29 -14.26 -10.43
CA LEU B 87 -16.87 -12.87 -10.25
C LEU B 87 -17.31 -12.02 -11.43
N ASP B 88 -17.21 -12.59 -12.63
CA ASP B 88 -17.60 -11.87 -13.83
C ASP B 88 -19.11 -11.58 -13.81
N ALA B 89 -19.91 -12.59 -13.49
CA ALA B 89 -21.35 -12.37 -13.43
C ALA B 89 -21.67 -11.27 -12.41
N GLU B 90 -20.98 -11.30 -11.28
CA GLU B 90 -21.18 -10.30 -10.23
C GLU B 90 -20.81 -8.91 -10.72
N ILE B 91 -19.72 -8.83 -11.47
CA ILE B 91 -19.27 -7.56 -12.00
C ILE B 91 -20.32 -6.96 -12.93
N ILE B 92 -20.80 -7.76 -13.87
CA ILE B 92 -21.78 -7.28 -14.84
C ILE B 92 -23.09 -6.94 -14.14
N ARG B 93 -23.45 -7.74 -13.13
CA ARG B 93 -24.67 -7.51 -12.38
C ARG B 93 -24.60 -6.20 -11.58
N LYS B 94 -23.42 -5.90 -11.04
CA LYS B 94 -23.18 -4.71 -10.23
C LYS B 94 -22.90 -3.42 -11.02
N LEU B 95 -22.16 -3.54 -12.11
CA LEU B 95 -21.79 -2.36 -12.88
C LEU B 95 -22.57 -2.15 -14.17
N GLY B 96 -23.34 -3.16 -14.58
CA GLY B 96 -24.09 -3.05 -15.81
C GLY B 96 -25.60 -2.93 -15.67
N PRO B 97 -26.36 -3.74 -16.43
CA PRO B 97 -25.89 -4.74 -17.40
C PRO B 97 -25.12 -4.27 -18.62
N LYS B 98 -25.45 -3.09 -19.15
CA LYS B 98 -24.77 -2.61 -20.35
C LYS B 98 -23.56 -1.68 -20.20
N HIS B 99 -22.69 -1.73 -21.21
CA HIS B 99 -21.49 -0.91 -21.31
C HIS B 99 -20.49 -1.01 -20.16
N VAL B 100 -20.35 -2.20 -19.60
CA VAL B 100 -19.41 -2.41 -18.51
C VAL B 100 -17.97 -2.45 -18.99
N ALA B 101 -17.12 -1.64 -18.36
CA ALA B 101 -15.70 -1.56 -18.71
C ALA B 101 -15.05 -2.94 -18.57
N GLY B 102 -13.93 -3.13 -19.26
CA GLY B 102 -13.25 -4.41 -19.20
C GLY B 102 -11.94 -4.40 -18.44
N SER B 103 -11.45 -5.59 -18.12
CA SER B 103 -10.18 -5.71 -17.42
C SER B 103 -9.51 -7.06 -17.64
N THR B 104 -8.19 -7.01 -17.77
CA THR B 104 -7.39 -8.21 -17.92
C THR B 104 -7.20 -8.64 -16.48
N GLY B 105 -6.58 -9.79 -16.29
CA GLY B 105 -6.32 -10.26 -14.95
C GLY B 105 -5.22 -11.31 -14.87
N ILE B 106 -4.14 -10.99 -14.18
CA ILE B 106 -3.07 -11.94 -13.98
C ILE B 106 -3.06 -12.13 -12.46
N ILE B 107 -3.51 -13.31 -12.04
CA ILE B 107 -3.64 -13.66 -10.64
C ILE B 107 -2.75 -14.84 -10.27
N VAL B 108 -2.15 -14.80 -9.09
CA VAL B 108 -1.32 -15.90 -8.64
C VAL B 108 -1.77 -16.32 -7.24
N ALA B 109 -1.90 -17.63 -7.05
CA ALA B 109 -2.28 -18.18 -5.75
C ALA B 109 -1.01 -18.84 -5.24
N ILE B 110 -0.45 -18.30 -4.16
CA ILE B 110 0.78 -18.83 -3.58
C ILE B 110 0.54 -19.70 -2.36
N GLU B 111 0.97 -20.95 -2.42
CA GLU B 111 0.81 -21.87 -1.31
C GLU B 111 2.17 -22.31 -0.81
N ARG B 112 2.50 -22.02 0.44
CA ARG B 112 3.78 -22.44 0.96
C ARG B 112 3.68 -23.88 1.44
N LEU B 113 4.66 -24.69 1.08
CA LEU B 113 4.66 -26.10 1.48
C LEU B 113 5.29 -26.25 2.86
N SER B 114 4.63 -27.01 3.72
CA SER B 114 5.16 -27.24 5.06
C SER B 114 5.90 -28.56 5.07
N ALA B 115 5.76 -29.30 3.97
CA ALA B 115 6.41 -30.59 3.80
C ALA B 115 6.64 -30.78 2.30
N PRO B 116 7.73 -31.46 1.94
CA PRO B 116 7.99 -31.68 0.51
C PRO B 116 6.87 -32.46 -0.18
N VAL B 117 6.82 -32.35 -1.50
CA VAL B 117 5.83 -33.05 -2.32
C VAL B 117 6.55 -33.54 -3.56
N VAL B 118 6.16 -34.71 -4.06
CA VAL B 118 6.78 -35.27 -5.25
C VAL B 118 5.86 -35.05 -6.43
N GLU B 119 6.39 -34.47 -7.50
CA GLU B 119 5.61 -34.20 -8.69
C GLU B 119 6.44 -34.44 -9.93
N ASN B 120 5.76 -34.49 -11.07
CA ASN B 120 6.43 -34.63 -12.35
C ASN B 120 6.45 -33.20 -12.84
N VAL B 121 7.61 -32.76 -13.30
CA VAL B 121 7.74 -31.39 -13.75
C VAL B 121 8.48 -31.22 -15.06
N VAL B 122 8.12 -30.15 -15.77
CA VAL B 122 8.77 -29.77 -17.00
C VAL B 122 9.30 -28.41 -16.57
N GLY B 123 10.55 -28.39 -16.14
CA GLY B 123 11.12 -27.15 -15.65
C GLY B 123 10.39 -26.86 -14.34
N ARG B 124 9.89 -25.64 -14.18
CA ARG B 124 9.16 -25.29 -12.96
C ARG B 124 7.66 -25.60 -13.06
N GLU B 125 7.19 -26.04 -14.22
CA GLU B 125 5.78 -26.34 -14.35
C GLU B 125 5.45 -27.74 -13.87
N ILE B 126 4.44 -27.84 -13.00
CA ILE B 126 4.02 -29.13 -12.47
C ILE B 126 3.01 -29.75 -13.41
N VAL B 127 3.22 -31.03 -13.74
CA VAL B 127 2.31 -31.75 -14.63
C VAL B 127 1.17 -32.36 -13.82
N PRO B 128 -0.08 -32.11 -14.23
CA PRO B 128 -1.18 -32.69 -13.46
C PRO B 128 -1.16 -34.21 -13.55
N ARG B 129 -1.45 -34.88 -12.45
CA ARG B 129 -1.44 -36.35 -12.40
C ARG B 129 -2.85 -36.90 -12.65
N PHE B 135 -0.36 -33.81 -22.10
CA PHE B 135 0.15 -32.58 -21.48
C PHE B 135 1.21 -31.89 -22.34
N VAL B 136 1.01 -30.59 -22.55
CA VAL B 136 1.98 -29.82 -23.32
C VAL B 136 2.33 -28.64 -22.42
N PRO B 137 3.60 -28.53 -22.01
CA PRO B 137 4.00 -27.41 -21.16
C PRO B 137 3.75 -26.06 -21.79
N LEU B 138 3.42 -25.08 -20.94
CA LEU B 138 3.13 -23.73 -21.39
C LEU B 138 4.29 -23.14 -22.20
N GLU B 139 5.52 -23.41 -21.76
CA GLU B 139 6.70 -22.90 -22.45
C GLU B 139 6.70 -23.36 -23.90
N LYS B 140 6.29 -24.60 -24.13
CA LYS B 140 6.22 -25.15 -25.49
C LYS B 140 5.27 -24.32 -26.36
N LEU B 141 4.08 -24.05 -25.84
CA LEU B 141 3.09 -23.27 -26.57
C LEU B 141 3.60 -21.88 -26.92
N ILE B 142 4.24 -21.22 -25.97
CA ILE B 142 4.79 -19.89 -26.19
C ILE B 142 5.85 -19.93 -27.30
N GLN B 143 6.76 -20.89 -27.20
CA GLN B 143 7.82 -21.03 -28.19
C GLN B 143 7.29 -21.35 -29.59
N GLU B 144 6.23 -22.16 -29.67
CA GLU B 144 5.66 -22.49 -30.97
C GLU B 144 5.08 -21.21 -31.57
N GLU B 145 4.33 -20.47 -30.75
CA GLU B 145 3.72 -19.22 -31.17
C GLU B 145 4.76 -18.18 -31.57
N GLU B 146 5.87 -18.13 -30.85
CA GLU B 146 6.93 -17.17 -31.15
C GLU B 146 7.60 -17.56 -32.46
N GLU B 147 7.68 -18.86 -32.70
CA GLU B 147 8.30 -19.38 -33.92
C GLU B 147 7.40 -19.11 -35.13
N ALA B 148 6.10 -19.31 -34.95
CA ALA B 148 5.14 -19.07 -36.03
C ALA B 148 4.67 -17.62 -35.98
N VAL B 154 17.99 -18.97 -33.61
CA VAL B 154 17.62 -17.60 -33.23
C VAL B 154 16.77 -17.67 -31.97
N GLY B 155 17.34 -18.03 -30.83
CA GLY B 155 16.55 -18.14 -29.62
C GLY B 155 17.01 -17.54 -28.32
N ARG B 156 16.18 -16.66 -27.76
CA ARG B 156 16.49 -15.99 -26.50
C ARG B 156 16.04 -16.84 -25.31
N TYR B 157 15.30 -17.91 -25.60
CA TYR B 157 14.79 -18.80 -24.56
C TYR B 157 15.29 -20.22 -24.82
N PRO B 158 15.71 -20.91 -23.74
CA PRO B 158 16.23 -22.29 -23.80
C PRO B 158 15.21 -23.31 -24.28
N ARG B 159 15.70 -24.40 -24.89
CA ARG B 159 14.79 -25.44 -25.37
C ARG B 159 14.01 -25.98 -24.18
N VAL B 160 12.80 -26.45 -24.44
CA VAL B 160 11.93 -27.00 -23.41
C VAL B 160 12.55 -28.26 -22.82
N PRO B 161 12.70 -28.32 -21.49
CA PRO B 161 13.27 -29.47 -20.79
C PRO B 161 12.42 -30.75 -20.89
N ASP B 162 13.03 -31.88 -20.58
CA ASP B 162 12.33 -33.17 -20.60
C ASP B 162 11.64 -33.30 -19.26
N VAL B 163 10.51 -34.01 -19.21
CA VAL B 163 9.80 -34.18 -17.95
C VAL B 163 10.63 -34.99 -16.97
N GLN B 164 10.66 -34.54 -15.73
CA GLN B 164 11.44 -35.20 -14.70
C GLN B 164 10.65 -35.30 -13.40
N GLN B 165 11.03 -36.25 -12.56
CA GLN B 165 10.38 -36.42 -11.27
C GLN B 165 11.21 -35.62 -10.26
N LYS B 166 10.57 -34.64 -9.63
CA LYS B 166 11.26 -33.79 -8.67
C LYS B 166 10.56 -33.78 -7.32
N THR B 167 11.35 -33.58 -6.27
CA THR B 167 10.83 -33.49 -4.92
C THR B 167 10.98 -32.01 -4.58
N ILE B 168 9.86 -31.34 -4.40
CA ILE B 168 9.90 -29.93 -4.08
C ILE B 168 10.11 -29.81 -2.58
N PRO B 169 11.20 -29.16 -2.16
CA PRO B 169 11.50 -28.99 -0.73
C PRO B 169 10.51 -28.17 0.07
N ALA B 170 10.32 -28.55 1.33
CA ALA B 170 9.41 -27.79 2.20
C ALA B 170 10.01 -26.40 2.20
N GLY B 171 9.18 -25.38 2.40
CA GLY B 171 9.69 -24.02 2.39
C GLY B 171 9.53 -23.44 1.00
N SER B 172 9.26 -24.31 0.03
CA SER B 172 9.02 -23.90 -1.34
C SER B 172 7.57 -23.47 -1.44
N PHE B 173 7.19 -22.88 -2.57
CA PHE B 173 5.83 -22.40 -2.75
C PHE B 173 5.19 -22.97 -4.01
N LEU B 174 3.94 -23.41 -3.90
CA LEU B 174 3.23 -23.89 -5.08
C LEU B 174 2.61 -22.60 -5.64
N VAL B 175 2.77 -22.36 -6.93
CA VAL B 175 2.23 -21.16 -7.55
C VAL B 175 1.27 -21.50 -8.67
N THR B 176 0.02 -21.10 -8.51
CA THR B 176 -0.99 -21.35 -9.54
C THR B 176 -1.15 -20.02 -10.28
N ALA B 177 -0.86 -20.02 -11.57
CA ALA B 177 -0.96 -18.82 -12.40
C ALA B 177 -2.29 -18.78 -13.14
N ILE B 178 -3.12 -17.83 -12.77
CA ILE B 178 -4.46 -17.66 -13.36
C ILE B 178 -4.46 -16.46 -14.29
N ASN B 179 -4.45 -16.71 -15.60
CA ASN B 179 -4.40 -15.60 -16.54
C ASN B 179 -5.62 -15.38 -17.41
N ILE B 180 -5.95 -14.10 -17.56
CA ILE B 180 -7.08 -13.65 -18.39
C ILE B 180 -6.64 -12.35 -19.05
N GLY B 181 -6.16 -12.42 -20.29
CA GLY B 181 -5.73 -11.21 -20.97
C GLY B 181 -4.26 -11.24 -21.37
N ASP B 182 -3.62 -10.07 -21.35
CA ASP B 182 -2.21 -9.98 -21.75
C ASP B 182 -1.28 -9.43 -20.67
N SER B 183 -1.70 -9.45 -19.40
CA SER B 183 -0.81 -9.03 -18.32
C SER B 183 0.05 -10.27 -18.13
N ARG B 184 1.19 -10.15 -17.48
CA ARG B 184 2.08 -11.30 -17.33
C ARG B 184 2.69 -11.54 -15.96
N ALA B 185 3.11 -12.78 -15.74
CA ALA B 185 3.75 -13.20 -14.50
C ALA B 185 4.99 -13.99 -14.88
N THR B 186 6.11 -13.63 -14.27
CA THR B 186 7.39 -14.28 -14.54
C THR B 186 8.08 -14.67 -13.24
N LEU B 187 8.73 -15.84 -13.25
CA LEU B 187 9.48 -16.29 -12.09
C LEU B 187 10.96 -16.14 -12.46
N ILE B 188 11.69 -15.30 -11.74
CA ILE B 188 13.11 -15.12 -12.02
C ILE B 188 13.89 -15.97 -11.01
N HIS B 189 14.61 -16.96 -11.51
CA HIS B 189 15.39 -17.85 -10.67
C HIS B 189 16.63 -17.17 -10.10
N SER B 190 17.20 -17.76 -9.06
CA SER B 190 18.39 -17.18 -8.46
C SER B 190 19.57 -17.20 -9.44
N ASP B 191 19.58 -18.16 -10.37
CA ASP B 191 20.68 -18.24 -11.35
C ASP B 191 20.43 -17.43 -12.62
N GLY B 192 19.42 -16.57 -12.60
CA GLY B 192 19.13 -15.76 -13.77
C GLY B 192 18.10 -16.35 -14.72
N GLY B 193 17.88 -17.66 -14.64
CA GLY B 193 16.92 -18.30 -15.52
C GLY B 193 15.53 -17.75 -15.28
N LEU B 194 14.61 -17.98 -16.20
CA LEU B 194 13.25 -17.48 -16.03
C LEU B 194 12.19 -18.49 -16.41
N THR B 195 11.04 -18.38 -15.76
CA THR B 195 9.92 -19.26 -16.06
C THR B 195 8.74 -18.37 -16.41
N ARG B 196 8.16 -18.60 -17.59
CA ARG B 196 7.02 -17.81 -18.03
C ARG B 196 5.74 -18.47 -17.53
N LEU B 197 5.06 -17.78 -16.62
CA LEU B 197 3.84 -18.28 -16.00
C LEU B 197 2.56 -18.12 -16.82
N SER B 198 2.58 -17.29 -17.84
CA SER B 198 1.39 -17.07 -18.65
C SER B 198 1.68 -16.88 -20.12
N LYS B 199 0.62 -16.93 -20.92
CA LYS B 199 0.66 -16.74 -22.36
C LYS B 199 -0.50 -15.83 -22.76
N ASP B 200 -0.19 -14.74 -23.45
CA ASP B 200 -1.17 -13.76 -23.90
C ASP B 200 -2.36 -14.35 -24.66
N HIS B 201 -3.56 -13.87 -24.36
CA HIS B 201 -4.78 -14.29 -25.03
C HIS B 201 -5.00 -13.38 -26.25
N LYS B 202 -4.77 -13.89 -27.45
CA LYS B 202 -4.95 -13.07 -28.65
C LYS B 202 -6.12 -13.53 -29.52
N PRO B 203 -6.94 -12.56 -29.97
CA PRO B 203 -8.13 -12.79 -30.82
C PRO B 203 -7.89 -13.61 -32.07
N ASN B 204 -6.72 -13.42 -32.68
CA ASN B 204 -6.40 -14.12 -33.93
C ASN B 204 -6.00 -15.58 -33.76
N HIS B 205 -5.66 -15.99 -32.53
CA HIS B 205 -5.28 -17.38 -32.31
C HIS B 205 -6.49 -18.28 -32.59
N PRO B 206 -6.26 -19.48 -33.16
CA PRO B 206 -7.30 -20.45 -33.52
C PRO B 206 -8.40 -20.65 -32.48
N THR B 207 -8.02 -20.93 -31.24
CA THR B 207 -8.99 -21.17 -30.18
C THR B 207 -9.90 -19.98 -29.91
N GLU B 208 -9.34 -18.78 -29.95
CA GLU B 208 -10.12 -17.57 -29.70
C GLU B 208 -11.01 -17.18 -30.87
N ALA B 209 -10.41 -17.07 -32.05
CA ALA B 209 -11.15 -16.67 -33.24
C ALA B 209 -12.29 -17.64 -33.55
N SER B 210 -12.07 -18.91 -33.25
CA SER B 210 -13.08 -19.92 -33.48
C SER B 210 -14.31 -19.66 -32.61
N ARG B 211 -14.09 -19.40 -31.32
CA ARG B 211 -15.19 -19.14 -30.39
C ARG B 211 -15.96 -17.88 -30.81
N ILE B 212 -15.21 -16.83 -31.09
CA ILE B 212 -15.76 -15.53 -31.51
C ILE B 212 -16.67 -15.69 -32.72
N GLU B 213 -16.16 -16.41 -33.71
CA GLU B 213 -16.86 -16.68 -34.97
C GLU B 213 -18.20 -17.36 -34.71
N LYS B 214 -18.15 -18.44 -33.94
CA LYS B 214 -19.36 -19.18 -33.63
C LYS B 214 -20.34 -18.34 -32.81
N ALA B 215 -19.84 -17.27 -32.19
CA ALA B 215 -20.68 -16.39 -31.40
C ALA B 215 -21.24 -15.26 -32.26
N GLY B 216 -20.98 -15.33 -33.56
CA GLY B 216 -21.46 -14.31 -34.47
C GLY B 216 -20.57 -13.09 -34.63
N GLY B 217 -19.36 -13.18 -34.08
CA GLY B 217 -18.43 -12.07 -34.18
C GLY B 217 -17.33 -12.38 -35.17
N SER B 218 -16.31 -11.52 -35.19
CA SER B 218 -15.19 -11.72 -36.09
C SER B 218 -13.92 -11.08 -35.53
N VAL B 219 -12.81 -11.36 -36.20
CA VAL B 219 -11.51 -10.81 -35.80
C VAL B 219 -10.91 -10.18 -37.05
N GLU B 220 -10.57 -8.90 -36.96
CA GLU B 220 -10.00 -8.18 -38.08
C GLU B 220 -8.81 -7.36 -37.63
N THR B 221 -7.78 -7.31 -38.47
CA THR B 221 -6.57 -6.59 -38.16
C THR B 221 -6.53 -5.13 -38.60
N PHE B 222 -6.29 -4.26 -37.63
CA PHE B 222 -6.16 -2.84 -37.89
C PHE B 222 -4.75 -2.55 -37.41
N ASP B 223 -4.62 -1.96 -36.24
CA ASP B 223 -3.29 -1.72 -35.69
C ASP B 223 -2.86 -3.07 -35.09
N VAL B 224 -3.86 -3.82 -34.65
CA VAL B 224 -3.67 -5.14 -34.04
C VAL B 224 -4.94 -5.96 -34.27
N PRO B 225 -4.87 -7.29 -34.20
CA PRO B 225 -6.12 -8.02 -34.41
C PRO B 225 -7.15 -7.58 -33.36
N ARG B 226 -8.38 -7.30 -33.80
CA ARG B 226 -9.43 -6.86 -32.89
C ARG B 226 -10.77 -7.57 -33.08
N VAL B 227 -11.42 -7.89 -31.96
CA VAL B 227 -12.73 -8.55 -31.96
C VAL B 227 -13.74 -7.56 -32.54
N ASP B 228 -14.41 -7.96 -33.62
CA ASP B 228 -15.40 -7.09 -34.26
C ASP B 228 -14.77 -5.74 -34.63
N GLY B 229 -13.45 -5.73 -34.76
CA GLY B 229 -12.74 -4.51 -35.09
C GLY B 229 -12.65 -3.54 -33.92
N VAL B 230 -13.02 -4.00 -32.73
CA VAL B 230 -12.98 -3.14 -31.55
C VAL B 230 -12.00 -3.50 -30.42
N LEU B 231 -12.14 -4.69 -29.84
CA LEU B 231 -11.32 -5.11 -28.70
C LEU B 231 -10.01 -5.83 -29.02
N ALA B 232 -8.93 -5.36 -28.39
CA ALA B 232 -7.62 -5.95 -28.56
C ALA B 232 -7.50 -7.33 -27.91
N LEU B 233 -8.28 -7.58 -26.86
CA LEU B 233 -8.25 -8.86 -26.15
C LEU B 233 -9.54 -9.66 -26.31
N SER B 234 -9.40 -10.98 -26.31
CA SER B 234 -10.55 -11.86 -26.45
C SER B 234 -11.04 -12.41 -25.11
N ARG B 235 -10.23 -12.24 -24.07
CA ARG B 235 -10.59 -12.70 -22.72
C ARG B 235 -10.50 -11.53 -21.76
N ALA B 236 -11.50 -11.37 -20.89
CA ALA B 236 -11.50 -10.27 -19.94
C ALA B 236 -12.72 -10.28 -19.05
N PHE B 237 -12.60 -9.58 -17.93
CA PHE B 237 -13.71 -9.44 -16.99
C PHE B 237 -14.47 -8.23 -17.52
N GLY B 238 -15.78 -8.18 -17.29
CA GLY B 238 -16.57 -7.06 -17.79
C GLY B 238 -16.76 -7.15 -19.29
N ASP B 239 -16.72 -6.00 -19.97
CA ASP B 239 -16.93 -5.96 -21.44
C ASP B 239 -18.24 -6.67 -21.75
N SER B 240 -19.28 -6.28 -21.02
CA SER B 240 -20.60 -6.87 -21.16
C SER B 240 -21.21 -6.80 -22.57
N ASP B 241 -20.86 -5.77 -23.33
CA ASP B 241 -21.42 -5.65 -24.68
C ASP B 241 -21.00 -6.79 -25.60
N PHE B 242 -19.93 -7.51 -25.23
CA PHE B 242 -19.46 -8.62 -26.03
C PHE B 242 -19.84 -9.96 -25.40
N LYS B 243 -20.76 -9.91 -24.45
CA LYS B 243 -21.20 -11.12 -23.76
C LYS B 243 -22.72 -11.21 -23.72
N ASN B 245 -24.82 -12.65 -26.34
CA ASN B 245 -25.40 -13.53 -27.34
C ASN B 245 -26.58 -14.38 -26.85
N PRO B 246 -26.41 -15.11 -25.74
CA PRO B 246 -27.46 -15.98 -25.19
C PRO B 246 -28.50 -16.47 -26.19
N PRO B 249 -24.22 -19.74 -23.70
CA PRO B 249 -23.43 -19.96 -22.49
C PRO B 249 -22.40 -18.86 -22.29
N PRO B 250 -22.15 -18.45 -21.03
CA PRO B 250 -21.16 -17.41 -20.76
C PRO B 250 -19.78 -17.82 -21.26
N GLU B 251 -19.47 -19.11 -21.12
CA GLU B 251 -18.17 -19.64 -21.55
C GLU B 251 -18.01 -19.61 -23.08
N GLU B 252 -19.09 -19.36 -23.82
CA GLU B 252 -19.00 -19.34 -25.28
C GLU B 252 -19.29 -18.00 -25.95
N GLN B 253 -19.26 -16.92 -25.18
CA GLN B 253 -19.51 -15.58 -25.72
C GLN B 253 -18.28 -15.14 -26.50
N LYS B 254 -18.41 -14.03 -27.24
CA LYS B 254 -17.28 -13.50 -28.02
C LYS B 254 -16.09 -13.30 -27.07
N VAL B 255 -16.36 -12.64 -25.95
CA VAL B 255 -15.34 -12.39 -24.94
C VAL B 255 -15.73 -13.16 -23.68
N ILE B 256 -14.77 -13.86 -23.07
CA ILE B 256 -15.08 -14.61 -21.88
C ILE B 256 -14.10 -14.38 -20.75
N ALA B 257 -14.52 -14.69 -19.53
CA ALA B 257 -13.68 -14.53 -18.35
C ALA B 257 -13.16 -15.87 -17.86
N VAL B 258 -13.01 -16.82 -18.78
CA VAL B 258 -12.49 -18.13 -18.44
C VAL B 258 -10.96 -17.99 -18.48
N PRO B 259 -10.28 -18.31 -17.38
CA PRO B 259 -8.82 -18.18 -17.36
C PRO B 259 -8.06 -19.39 -17.85
N ASP B 260 -6.76 -19.19 -18.07
CA ASP B 260 -5.87 -20.28 -18.42
C ASP B 260 -5.27 -20.52 -17.04
N VAL B 261 -5.24 -21.76 -16.59
CA VAL B 261 -4.70 -22.08 -15.27
C VAL B 261 -3.55 -23.08 -15.38
N ARG B 262 -2.38 -22.66 -14.91
CA ARG B 262 -1.17 -23.50 -14.95
C ARG B 262 -0.55 -23.60 -13.55
N GLN B 263 0.08 -24.73 -13.25
CA GLN B 263 0.68 -24.97 -11.94
C GLN B 263 2.21 -24.95 -11.98
N PHE B 264 2.81 -24.25 -11.02
CA PHE B 264 4.27 -24.17 -10.94
C PHE B 264 4.75 -24.25 -9.50
N TYR B 265 6.06 -24.33 -9.32
CA TYR B 265 6.64 -24.33 -7.98
C TYR B 265 7.76 -23.31 -8.01
N ALA B 266 7.86 -22.53 -6.94
CA ALA B 266 8.88 -21.51 -6.80
C ALA B 266 9.71 -21.82 -5.58
N LEU B 267 11.01 -21.54 -5.64
CA LEU B 267 11.89 -21.77 -4.50
C LEU B 267 11.98 -20.47 -3.72
N SER B 268 12.39 -20.55 -2.45
CA SER B 268 12.48 -19.36 -1.61
C SER B 268 13.47 -18.34 -2.18
N SER B 269 14.27 -18.76 -3.15
CA SER B 269 15.26 -17.89 -3.75
C SER B 269 14.80 -17.18 -5.03
N ASP B 270 13.57 -17.46 -5.47
CA ASP B 270 13.05 -16.83 -6.67
C ASP B 270 12.53 -15.43 -6.42
N LEU B 271 12.19 -14.77 -7.51
CA LEU B 271 11.58 -13.45 -7.49
C LEU B 271 10.39 -13.61 -8.43
N LEU B 272 9.21 -13.19 -8.00
CA LEU B 272 8.02 -13.30 -8.83
C LEU B 272 7.69 -11.90 -9.32
N LEU B 273 7.58 -11.72 -10.63
CA LEU B 273 7.29 -10.41 -11.19
C LEU B 273 5.99 -10.43 -11.99
N LEU B 274 5.02 -9.63 -11.54
CA LEU B 274 3.74 -9.51 -12.23
C LEU B 274 3.67 -8.11 -12.83
N ALA B 275 3.39 -8.02 -14.13
CA ALA B 275 3.31 -6.73 -14.80
C ALA B 275 2.23 -6.69 -15.88
N CYS B 276 1.75 -5.50 -16.17
CA CYS B 276 0.72 -5.34 -17.20
C CYS B 276 1.40 -5.23 -18.56
N ASP B 277 0.59 -5.23 -19.61
CA ASP B 277 1.06 -5.12 -20.98
C ASP B 277 1.96 -3.90 -21.19
N GLY B 278 1.68 -2.83 -20.44
CA GLY B 278 2.43 -1.60 -20.58
C GLY B 278 3.95 -1.72 -20.43
N VAL B 279 4.38 -2.67 -19.63
CA VAL B 279 5.80 -2.90 -19.40
C VAL B 279 6.45 -3.57 -20.60
N TYR B 280 5.68 -4.40 -21.30
CA TYR B 280 6.17 -5.14 -22.46
C TYR B 280 5.77 -4.56 -23.83
N GLU B 281 5.14 -3.40 -23.83
CA GLU B 281 4.69 -2.80 -25.08
C GLU B 281 5.84 -2.53 -26.06
N PRO B 282 6.94 -1.89 -25.59
CA PRO B 282 8.11 -1.60 -26.42
C PRO B 282 8.74 -2.89 -26.90
N SER B 283 9.35 -2.81 -28.05
CA SER B 283 10.04 -3.92 -28.69
C SER B 283 11.41 -4.11 -27.99
N GLY B 284 11.98 -5.30 -27.81
CA GLY B 284 13.23 -5.24 -27.11
C GLY B 284 13.07 -5.31 -25.63
N ASP B 286 11.05 -7.50 -23.96
CA ASP B 286 10.38 -8.80 -24.12
C ASP B 286 10.55 -9.55 -22.80
N TRP B 287 10.07 -10.79 -22.68
CA TRP B 287 10.22 -11.49 -21.42
C TRP B 287 11.69 -11.50 -20.99
N ALA B 288 12.56 -11.97 -21.88
CA ALA B 288 13.98 -12.05 -21.59
C ALA B 288 14.62 -10.73 -21.18
N TYR B 289 14.25 -9.64 -21.86
CA TYR B 289 14.84 -8.35 -21.53
C TYR B 289 14.44 -7.83 -20.15
N VAL B 290 13.18 -8.02 -19.77
CA VAL B 290 12.72 -7.54 -18.46
C VAL B 290 13.48 -8.33 -17.40
N ARG B 291 13.68 -9.62 -17.67
CA ARG B 291 14.44 -10.46 -16.75
C ARG B 291 15.86 -9.90 -16.62
N ASP B 292 16.45 -9.48 -17.75
CA ASP B 292 17.80 -8.94 -17.72
C ASP B 292 17.86 -7.65 -16.91
N LEU B 293 16.87 -6.78 -17.11
CA LEU B 293 16.81 -5.52 -16.40
C LEU B 293 16.70 -5.75 -14.91
N THR B 294 15.81 -6.66 -14.51
CA THR B 294 15.61 -6.97 -13.09
C THR B 294 16.87 -7.49 -12.44
N VAL B 295 17.52 -8.44 -13.11
CA VAL B 295 18.75 -9.00 -12.57
C VAL B 295 19.80 -7.91 -12.41
N ALA B 296 19.95 -7.07 -13.43
CA ALA B 296 20.93 -6.01 -13.38
C ALA B 296 20.67 -5.03 -12.25
N GLU B 297 19.41 -4.65 -12.04
CA GLU B 297 19.09 -3.71 -10.98
C GLU B 297 19.23 -4.32 -9.60
N GLN B 299 21.44 -6.31 -8.74
CA GLN B 299 22.88 -6.23 -8.50
C GLN B 299 23.29 -4.80 -8.19
N ARG B 300 22.93 -3.89 -9.09
CA ARG B 300 23.26 -2.48 -8.97
C ARG B 300 22.77 -1.84 -7.67
N SER B 301 21.64 -2.30 -7.15
CA SER B 301 21.08 -1.72 -5.94
C SER B 301 21.23 -2.61 -4.71
N LYS B 302 21.94 -3.70 -4.88
CA LYS B 302 22.18 -4.67 -3.81
C LYS B 302 20.88 -5.27 -3.27
N GLY B 303 19.96 -5.56 -4.17
CA GLY B 303 18.70 -6.17 -3.78
C GLY B 303 17.57 -5.26 -3.35
N ASP B 304 17.63 -3.97 -3.68
CA ASP B 304 16.55 -3.06 -3.29
C ASP B 304 15.36 -3.32 -4.22
N LEU B 305 14.37 -4.05 -3.72
CA LEU B 305 13.18 -4.38 -4.52
C LEU B 305 12.44 -3.16 -5.05
N GLU B 306 12.27 -2.14 -4.21
CA GLU B 306 11.56 -0.96 -4.64
C GLU B 306 12.26 -0.23 -5.78
N GLU B 307 13.59 -0.20 -5.73
CA GLU B 307 14.34 0.47 -6.80
C GLU B 307 14.28 -0.28 -8.12
N VAL B 308 14.32 -1.60 -8.06
CA VAL B 308 14.25 -2.40 -9.28
C VAL B 308 12.88 -2.26 -9.93
N ALA B 309 11.84 -2.19 -9.11
CA ALA B 309 10.48 -2.03 -9.60
C ALA B 309 10.37 -0.70 -10.33
N ALA B 310 10.80 0.35 -9.66
CA ALA B 310 10.77 1.69 -10.21
C ALA B 310 11.56 1.79 -11.51
N ARG B 311 12.75 1.19 -11.51
CA ARG B 311 13.61 1.23 -12.68
C ARG B 311 13.04 0.47 -13.89
N VAL B 312 12.47 -0.71 -13.67
CA VAL B 312 11.90 -1.45 -14.80
C VAL B 312 10.77 -0.62 -15.40
N ASP B 314 10.57 2.77 -15.33
CA ASP B 314 11.19 3.88 -16.05
C ASP B 314 11.66 3.42 -17.44
N TYR B 315 12.23 2.23 -17.51
CA TYR B 315 12.72 1.72 -18.78
C TYR B 315 11.61 1.63 -19.81
N ALA B 316 10.51 0.98 -19.43
CA ALA B 316 9.37 0.84 -20.31
C ALA B 316 8.92 2.22 -20.83
N TYR B 317 8.86 3.19 -19.93
CA TYR B 317 8.46 4.54 -20.30
C TYR B 317 9.47 5.19 -21.24
N ASP B 318 10.75 5.06 -20.90
CA ASP B 318 11.79 5.65 -21.75
C ASP B 318 11.83 4.97 -23.09
N ASN B 320 9.42 4.34 -24.68
CA ASN B 320 8.25 4.90 -25.32
C ASN B 320 6.95 4.09 -25.24
N SER B 321 6.69 3.47 -24.10
CA SER B 321 5.45 2.73 -23.92
C SER B 321 4.38 3.81 -23.84
N GLN B 322 3.22 3.59 -24.45
CA GLN B 322 2.14 4.58 -24.44
C GLN B 322 1.01 4.20 -23.48
N ASP B 323 1.22 3.12 -22.75
CA ASP B 323 0.21 2.58 -21.85
C ASP B 323 0.49 2.84 -20.37
N ASN B 324 -0.45 2.47 -19.51
CA ASN B 324 -0.24 2.62 -18.07
C ASN B 324 0.80 1.56 -17.72
N ILE B 325 1.64 1.84 -16.73
CA ILE B 325 2.70 0.92 -16.35
C ILE B 325 2.54 0.49 -14.90
N SER B 326 2.45 -0.82 -14.68
CA SER B 326 2.30 -1.34 -13.33
C SER B 326 3.13 -2.60 -13.14
N VAL B 327 3.81 -2.69 -12.01
CA VAL B 327 4.63 -3.85 -11.71
C VAL B 327 4.50 -4.24 -10.24
N LEU B 329 6.53 -6.93 -7.49
CA LEU B 329 7.62 -7.87 -7.27
C LEU B 329 7.45 -8.57 -5.93
N VAL B 330 7.60 -9.88 -5.92
CA VAL B 330 7.48 -10.61 -4.67
C VAL B 330 8.77 -11.38 -4.42
N ALA B 331 9.34 -11.23 -3.23
CA ALA B 331 10.54 -11.96 -2.87
C ALA B 331 10.08 -12.93 -1.78
N PHE B 332 10.73 -14.09 -1.70
CA PHE B 332 10.34 -15.09 -0.71
C PHE B 332 11.38 -15.28 0.38
N HIS B 333 10.91 -15.73 1.54
CA HIS B 333 11.77 -15.95 2.70
C HIS B 333 11.60 -17.37 3.22
N ASN B 334 12.63 -17.88 3.88
CA ASN B 334 12.57 -19.22 4.46
C ASN B 334 11.97 -19.14 5.86
N GLN B 335 12.04 -17.94 6.44
CA GLN B 335 11.52 -17.71 7.79
C GLN B 335 10.38 -16.70 7.75
N GLU B 336 9.37 -16.90 8.59
CA GLU B 336 8.24 -16.00 8.67
C GLU B 336 8.76 -14.63 9.14
N VAL B 337 8.28 -13.56 8.51
CA VAL B 337 8.73 -12.23 8.91
C VAL B 337 8.35 -12.00 10.37
N GLU B 338 9.26 -11.41 11.15
CA GLU B 338 8.97 -11.19 12.56
C GLU B 338 8.37 -9.84 12.91
N HIS B 339 8.68 -8.82 12.12
CA HIS B 339 8.15 -7.49 12.36
C HIS B 339 7.45 -7.01 11.11
N PRO B 340 6.27 -7.58 10.83
CA PRO B 340 5.49 -7.22 9.64
C PRO B 340 5.10 -5.75 9.57
N THR B 341 5.22 -5.20 8.36
CA THR B 341 4.90 -3.81 8.13
C THR B 341 4.35 -3.64 6.73
N ALA B 342 3.66 -2.52 6.53
CA ALA B 342 3.11 -2.14 5.24
C ALA B 342 3.54 -0.69 5.19
N VAL B 343 4.43 -0.37 4.24
CA VAL B 343 4.99 0.97 4.13
C VAL B 343 4.83 1.60 2.74
N TYR B 344 4.45 2.87 2.72
CA TYR B 344 4.26 3.61 1.46
C TYR B 344 5.28 4.75 1.44
N LYS B 345 6.15 4.76 0.42
CA LYS B 345 7.18 5.79 0.29
C LYS B 345 7.49 6.08 -1.18
N VAL B 346 8.29 7.11 -1.43
CA VAL B 346 8.66 7.50 -2.78
C VAL B 346 10.12 7.18 -3.09
N VAL B 347 10.33 6.51 -4.22
CA VAL B 347 11.65 6.09 -4.72
C VAL B 347 11.95 4.63 -4.34
#